data_7EJ8
#
_entry.id   7EJ8
#
_cell.length_a   1.00
_cell.length_b   1.00
_cell.length_c   1.00
_cell.angle_alpha   90.00
_cell.angle_beta   90.00
_cell.angle_gamma   90.00
#
_symmetry.space_group_name_H-M   'P 1'
#
loop_
_entity.id
_entity.type
_entity.pdbx_description
1 polymer 'Guanine nucleotide-binding protein G(o) subunit alpha'
2 polymer 'Guanine nucleotide-binding protein G(I)/G(S)/G(T) subunit beta-1'
3 polymer 'Guanine nucleotide-binding protein G(I)/G(S)/G(O) subunit gamma-2'
4 polymer 'Alpha-2A adrenergic receptor'
5 polymer scFv16
6 non-polymer Brimonidine
#
loop_
_entity_poly.entity_id
_entity_poly.type
_entity_poly.pdbx_seq_one_letter_code
_entity_poly.pdbx_strand_id
1 'polypeptide(L)'
;MGCTLSAEERAALERSKAIEKNLKEDGISAAKDVKLLLLGAGESGKSTIVKQMKIIHEDGFSGEDVKQYKPVVYSNTIQS
LAAIVRAMDTLGIEYGDKERKADAKMVCDVVSRMEDTEPFSAELLSAMMRLWGDSGIQECFNRSREYQLNDSAKYYLDSL
DRIGAADYQPTEQDILRTRVKTTGIVETHFTFKNLHFRLFDVGGQRSERKKWIHCFEDVTAIIFCVALSGYDQVLHEDET
TNRMHESLMLFDSICNNKFFIDTSIILFLNKKDLFGEKIKKSPLTICFPEYTGPNTYEDAAAYIQAQFESKNRSPNKEIY
CHMTCATDTNNIQVVFDAVTDIIIANNLRGCGLY
;
A
2 'polypeptide(L)'
;HHHHHHGSSGSELDQLRQEAEQLKNQIRDARKACADATLSQITNNIDPVGRIQMRTRRTLRGHLAKIYAMHWGTDSRLLV
SASQDGKLIIWDSYTTNKVHAIPLRSSWVMTCAYAPSGNYVACGGLDNICSIYNLKTREGNVRVSRELAGHTGYLSCCRF
LDDNQIVTSSGDTTCALWDIETGQQTTTFTGHTGDVMSLSLAPDTRLFVSGACDASAKLWDVREGMCRQTFTGHESDINA
ICFFPNGNAFATGSDDATCRLFDLRADQELMTYSHDNIICGITSVSFSKSGRLLLAGYDDFNCNVWDALKADRAGVLAGH
DNRVSCLGVTDDGMAVATGSWDSFLKIWN
;
B
3 'polypeptide(L)' MASNNTASIAQARKLVEQLKMEANIDRIKVSKAAADLMAYCEAHAKEDPLLTPVPASENPFREKKFFCAIL G
4 'polypeptide(L)'
;MFRQEQPLAEGSFAPMGSLQPDAGNASWNGTEAPGGGARATPYSLQVTLTLVCLAGLLMLLTVFGNVLVIIAVFTSRALK
APQNLFLVSLASADILVATLVIPFSLANEVMGYWYFGKAWCEIYLALDVLFCTSSIVHLCAISLDRYWSITQAIEYNLKR
TPRRIKAIIITVWVISAVISFPPLISIEKKGGGGGPQPAEPRCEINDQKWYVISSCIGSFFAPCLIMILVYVRIYQIAKR
RTRVPPSRRGPDAVAAPPGGTERRPNGLGPERSAGPGGAEAEPLPTQLNGAPGEPAPAGPRDTDALDLEESSSSDHAERP
PGPRRPERGPRGKGKARASQVKPGDSLPRRGPGATGIGTPAAGPGEERVGAAKASRWRGRQNREKRFTFVLAVVIGVFVV
CWFPFFFTYTLTAVGCSVPRTLFKFFFWFGYCNSSLNPVIYTIFNHDFRRAFKKILCRGDRKRIV
;
R
5 'polypeptide(L)'
;MLLVNQSHQGFNKEHTSKMVSAIVLYVLLAAAAHSAFADVQLVESGGGLVQPGGSRKLSCSASGFAFSSFGMHWVRQAPE
KGLEWVAYISSGSGTIYYADTVKGRFTISRDDPKNTLFLQMTSLRSEDTAMYYCVRSIYYYGSSPFDFWGQGTTLTVSSG
GGGSGGGGSGGGGSDIVMTQATSSVPVTPGESVSISCRSSKSLLHSNGNTYLYWFLQRPGQSPQLLIYRMSNLASGVPDR
FSGSGSGTAFTLTISRLEAEDVGVYYCMQHLEYPLTFGAGTKLELKGSLEVLFQGPAAAHHHHHHHH
;
H
#
loop_
_chem_comp.id
_chem_comp.type
_chem_comp.name
_chem_comp.formula
J59 non-polymer Brimonidine 'C11 H10 Br N5'
#
# COMPACT_ATOMS: atom_id res chain seq x y z
N THR A 4 14.52 -15.92 20.12
CA THR A 4 14.04 -15.79 18.75
C THR A 4 12.63 -16.37 18.60
N LEU A 5 12.25 -16.72 17.37
CA LEU A 5 10.89 -17.13 17.05
C LEU A 5 10.90 -18.50 16.39
N SER A 6 9.79 -19.22 16.56
CA SER A 6 9.70 -20.64 16.27
C SER A 6 9.65 -20.92 14.78
N ALA A 7 9.59 -22.21 14.44
CA ALA A 7 9.66 -22.64 13.05
C ALA A 7 8.46 -22.18 12.25
N GLU A 8 7.27 -22.25 12.85
CA GLU A 8 6.07 -21.80 12.16
C GLU A 8 6.15 -20.33 11.80
N GLU A 9 6.59 -19.51 12.76
CA GLU A 9 6.73 -18.10 12.48
C GLU A 9 7.84 -17.83 11.47
N ARG A 10 8.90 -18.64 11.47
CA ARG A 10 9.94 -18.50 10.46
C ARG A 10 9.36 -18.74 9.07
N ALA A 11 8.58 -19.79 8.92
CA ALA A 11 7.97 -20.07 7.62
C ALA A 11 7.00 -18.96 7.21
N ALA A 12 6.21 -18.47 8.17
CA ALA A 12 5.28 -17.39 7.87
C ALA A 12 6.02 -16.14 7.41
N LEU A 13 7.11 -15.81 8.08
CA LEU A 13 7.90 -14.63 7.69
C LEU A 13 8.52 -14.82 6.31
N GLU A 14 8.96 -16.04 6.01
CA GLU A 14 9.45 -16.30 4.65
C GLU A 14 8.36 -16.06 3.63
N ARG A 15 7.14 -16.53 3.91
CA ARG A 15 6.03 -16.32 2.98
C ARG A 15 5.75 -14.83 2.82
N SER A 16 5.76 -14.08 3.92
CA SER A 16 5.51 -12.64 3.84
C SER A 16 6.57 -11.95 3.00
N LYS A 17 7.84 -12.33 3.15
CA LYS A 17 8.89 -11.73 2.35
C LYS A 17 8.71 -12.05 0.88
N ALA A 18 8.31 -13.29 0.56
CA ALA A 18 8.05 -13.62 -0.83
C ALA A 18 6.93 -12.75 -1.40
N ILE A 19 5.87 -12.57 -0.63
CA ILE A 19 4.75 -11.73 -1.08
C ILE A 19 5.23 -10.31 -1.33
N GLU A 20 6.02 -9.76 -0.40
CA GLU A 20 6.55 -8.42 -0.55
C GLU A 20 7.38 -8.28 -1.83
N LYS A 21 8.26 -9.24 -2.07
CA LYS A 21 9.10 -9.16 -3.26
C LYS A 21 8.26 -9.20 -4.53
N ASN A 22 7.30 -10.13 -4.59
CA ASN A 22 6.45 -10.22 -5.78
C ASN A 22 5.67 -8.94 -6.00
N LEU A 23 5.13 -8.37 -4.92
CA LEU A 23 4.34 -7.15 -5.02
C LEU A 23 5.19 -5.99 -5.52
N LYS A 24 6.40 -5.84 -4.98
CA LYS A 24 7.26 -4.75 -5.41
C LYS A 24 7.66 -4.90 -6.87
N GLU A 25 7.98 -6.12 -7.29
CA GLU A 25 8.31 -6.35 -8.69
C GLU A 25 7.14 -5.99 -9.59
N ASP A 26 5.93 -6.39 -9.20
CA ASP A 26 4.77 -6.08 -10.02
C ASP A 26 4.55 -4.59 -10.12
N GLY A 27 4.73 -3.86 -9.01
CA GLY A 27 4.60 -2.42 -9.05
C GLY A 27 5.61 -1.76 -9.97
N ILE A 28 6.87 -2.21 -9.90
CA ILE A 28 7.89 -1.68 -10.80
C ILE A 28 7.51 -1.92 -12.25
N SER A 29 7.08 -3.14 -12.57
CA SER A 29 6.68 -3.43 -13.95
C SER A 29 5.49 -2.56 -14.37
N ALA A 30 4.60 -2.24 -13.43
CA ALA A 30 3.43 -1.44 -13.76
C ALA A 30 3.75 0.03 -13.97
N ALA A 31 4.76 0.57 -13.30
CA ALA A 31 4.99 2.01 -13.33
C ALA A 31 5.44 2.53 -14.70
N LYS A 32 5.80 1.64 -15.64
CA LYS A 32 6.37 2.11 -16.90
C LYS A 32 5.34 2.80 -17.78
N ASP A 33 4.12 2.27 -17.83
CA ASP A 33 3.14 2.74 -18.81
C ASP A 33 2.62 4.13 -18.44
N VAL A 34 1.91 4.73 -19.38
CA VAL A 34 1.41 6.10 -19.26
C VAL A 34 -0.12 6.06 -19.26
N LYS A 35 -0.72 6.88 -18.40
CA LYS A 35 -2.15 6.88 -18.19
C LYS A 35 -2.76 8.18 -18.68
N LEU A 36 -3.88 8.07 -19.39
CA LEU A 36 -4.57 9.22 -19.97
C LEU A 36 -6.05 9.17 -19.64
N LEU A 37 -6.61 10.30 -19.25
CA LEU A 37 -8.04 10.44 -18.98
C LEU A 37 -8.71 11.07 -20.18
N LEU A 38 -9.76 10.42 -20.67
CA LEU A 38 -10.56 10.96 -21.76
C LEU A 38 -11.80 11.60 -21.17
N LEU A 39 -12.02 12.87 -21.46
CA LEU A 39 -13.08 13.64 -20.82
C LEU A 39 -13.69 14.58 -21.86
N GLY A 40 -14.77 14.12 -22.49
CA GLY A 40 -15.49 14.92 -23.46
C GLY A 40 -16.73 15.57 -22.87
N ALA A 41 -17.72 15.81 -23.73
CA ALA A 41 -18.98 16.39 -23.29
C ALA A 41 -20.05 16.09 -24.34
N GLY A 42 -21.01 15.25 -23.98
CA GLY A 42 -22.16 15.04 -24.85
C GLY A 42 -21.78 14.44 -26.19
N GLU A 43 -22.23 15.09 -27.25
CA GLU A 43 -22.06 14.61 -28.62
C GLU A 43 -20.69 14.92 -29.19
N SER A 44 -19.71 15.24 -28.35
CA SER A 44 -18.35 15.44 -28.80
C SER A 44 -17.78 14.13 -29.35
N GLY A 45 -16.79 14.26 -30.23
CA GLY A 45 -16.28 13.11 -30.95
C GLY A 45 -15.32 12.25 -30.16
N LYS A 46 -15.53 12.15 -28.84
CA LYS A 46 -14.71 11.25 -28.04
C LYS A 46 -14.87 9.81 -28.51
N SER A 47 -16.08 9.42 -28.89
CA SER A 47 -16.29 8.10 -29.45
C SER A 47 -15.51 7.94 -30.75
N THR A 48 -15.47 8.99 -31.57
CA THR A 48 -14.68 8.92 -32.80
C THR A 48 -13.20 8.71 -32.50
N ILE A 49 -12.68 9.42 -31.49
CA ILE A 49 -11.29 9.25 -31.11
C ILE A 49 -11.03 7.83 -30.63
N VAL A 50 -11.93 7.31 -29.78
CA VAL A 50 -11.74 5.96 -29.25
C VAL A 50 -11.74 4.95 -30.39
N LYS A 51 -12.74 5.03 -31.28
CA LYS A 51 -12.80 4.11 -32.40
C LYS A 51 -11.59 4.27 -33.31
N GLN A 52 -11.02 5.48 -33.38
CA GLN A 52 -9.76 5.67 -34.08
C GLN A 52 -8.65 4.88 -33.42
N MET A 53 -8.61 4.87 -32.08
CA MET A 53 -7.62 4.18 -31.26
C MET A 53 -6.20 4.22 -31.85
N THR A 183 -20.72 -1.30 -17.68
CA THR A 183 -21.45 -0.05 -17.74
C THR A 183 -20.67 1.10 -17.09
N GLY A 184 -19.74 0.73 -16.22
CA GLY A 184 -18.95 1.73 -15.52
C GLY A 184 -17.78 2.24 -16.33
N ILE A 185 -16.61 2.35 -15.70
CA ILE A 185 -15.43 2.83 -16.40
C ILE A 185 -15.03 1.82 -17.47
N VAL A 186 -14.50 2.34 -18.58
CA VAL A 186 -14.07 1.51 -19.70
C VAL A 186 -12.59 1.79 -19.93
N GLU A 187 -11.78 0.75 -19.84
CA GLU A 187 -10.34 0.87 -20.00
C GLU A 187 -9.94 0.35 -21.36
N THR A 188 -9.26 1.18 -22.14
CA THR A 188 -8.69 0.78 -23.42
C THR A 188 -7.19 0.98 -23.35
N HIS A 189 -6.43 -0.06 -23.67
CA HIS A 189 -4.98 -0.01 -23.62
C HIS A 189 -4.42 -0.42 -24.97
N PHE A 190 -3.34 0.24 -25.37
CA PHE A 190 -2.71 -0.03 -26.66
C PHE A 190 -1.24 0.35 -26.58
N THR A 191 -0.49 -0.07 -27.59
CA THR A 191 0.93 0.20 -27.69
C THR A 191 1.19 0.99 -28.96
N PHE A 192 2.05 2.00 -28.85
CA PHE A 192 2.43 2.81 -30.00
C PHE A 192 3.89 3.21 -29.86
N LYS A 193 4.72 2.74 -30.78
CA LYS A 193 6.16 3.00 -30.75
C LYS A 193 6.75 2.60 -29.39
N ASN A 194 6.65 1.28 -29.12
CA ASN A 194 7.09 0.65 -27.88
C ASN A 194 6.76 1.45 -26.63
N LEU A 195 5.57 2.04 -26.60
CA LEU A 195 5.07 2.74 -25.42
C LEU A 195 3.65 2.27 -25.15
N HIS A 196 3.35 1.97 -23.90
CA HIS A 196 2.06 1.41 -23.52
C HIS A 196 1.18 2.49 -22.93
N PHE A 197 -0.01 2.66 -23.50
CA PHE A 197 -0.97 3.67 -23.08
C PHE A 197 -2.15 3.01 -22.41
N ARG A 198 -2.72 3.69 -21.42
CA ARG A 198 -3.94 3.25 -20.76
C ARG A 198 -4.91 4.42 -20.75
N LEU A 199 -6.00 4.29 -21.48
CA LEU A 199 -6.95 5.38 -21.67
C LEU A 199 -8.27 5.03 -20.99
N PHE A 200 -8.68 5.87 -20.04
CA PHE A 200 -9.93 5.69 -19.32
C PHE A 200 -10.92 6.75 -19.76
N ASP A 201 -12.14 6.34 -20.07
CA ASP A 201 -13.20 7.28 -20.40
C ASP A 201 -14.40 7.00 -19.50
N VAL A 202 -14.64 7.89 -18.55
CA VAL A 202 -15.76 7.78 -17.62
C VAL A 202 -16.94 8.48 -18.28
N GLY A 203 -17.64 7.74 -19.14
CA GLY A 203 -18.79 8.30 -19.82
C GLY A 203 -20.09 7.78 -19.25
N GLY A 204 -20.11 6.50 -18.91
CA GLY A 204 -21.31 5.89 -18.36
C GLY A 204 -21.60 6.29 -16.93
N GLN A 205 -20.62 6.85 -16.23
CA GLN A 205 -20.84 7.31 -14.87
C GLN A 205 -21.68 8.58 -14.89
N ARG A 206 -22.94 8.45 -14.49
CA ARG A 206 -23.86 9.58 -14.46
C ARG A 206 -23.88 10.28 -13.11
N SER A 207 -23.07 9.82 -12.15
CA SER A 207 -23.07 10.39 -10.81
C SER A 207 -22.30 11.71 -10.81
N GLU A 208 -22.20 12.30 -9.62
CA GLU A 208 -21.51 13.58 -9.49
C GLU A 208 -20.00 13.37 -9.56
N ARG A 209 -19.34 14.10 -10.46
CA ARG A 209 -17.91 13.91 -10.64
C ARG A 209 -17.09 14.51 -9.50
N LYS A 210 -17.67 15.42 -8.73
CA LYS A 210 -16.94 15.99 -7.59
C LYS A 210 -16.50 14.89 -6.65
N LYS A 211 -17.39 13.95 -6.35
CA LYS A 211 -16.96 12.67 -5.82
C LYS A 211 -16.30 11.87 -6.94
N TRP A 212 -15.31 11.07 -6.58
CA TRP A 212 -14.59 10.15 -7.47
C TRP A 212 -13.76 10.84 -8.55
N ILE A 213 -13.78 12.17 -8.66
CA ILE A 213 -12.83 12.78 -9.57
C ILE A 213 -11.40 12.64 -9.06
N HIS A 214 -11.21 12.60 -7.75
CA HIS A 214 -9.87 12.55 -7.18
C HIS A 214 -9.13 11.27 -7.50
N CYS A 215 -9.83 10.25 -8.00
CA CYS A 215 -9.16 8.98 -8.31
C CYS A 215 -8.07 9.19 -9.34
N PHE A 216 -8.33 9.97 -10.38
CA PHE A 216 -7.34 10.22 -11.42
C PHE A 216 -6.51 11.45 -11.12
N GLU A 217 -5.97 11.54 -9.90
CA GLU A 217 -5.17 12.71 -9.58
C GLU A 217 -3.73 12.53 -10.04
N ASP A 218 -3.23 11.30 -10.01
CA ASP A 218 -1.90 11.00 -10.52
C ASP A 218 -2.01 10.43 -11.93
N VAL A 219 -2.29 11.32 -12.87
CA VAL A 219 -2.44 10.94 -14.27
C VAL A 219 -1.54 11.85 -15.10
N THR A 220 -1.04 11.32 -16.21
CA THR A 220 -0.09 12.08 -17.01
C THR A 220 -0.75 13.29 -17.66
N ALA A 221 -1.86 13.08 -18.35
CA ALA A 221 -2.53 14.16 -19.06
C ALA A 221 -3.97 13.75 -19.32
N ILE A 222 -4.81 14.74 -19.57
CA ILE A 222 -6.21 14.49 -19.89
C ILE A 222 -6.46 14.93 -21.33
N ILE A 223 -7.41 14.25 -21.96
CA ILE A 223 -7.76 14.51 -23.36
C ILE A 223 -9.17 15.07 -23.40
N PHE A 224 -9.30 16.28 -23.91
CA PHE A 224 -10.55 17.02 -23.96
C PHE A 224 -10.94 17.28 -25.40
N CYS A 225 -12.20 17.03 -25.73
CA CYS A 225 -12.68 17.21 -27.10
C CYS A 225 -14.00 17.96 -27.09
N VAL A 226 -14.17 18.86 -28.06
CA VAL A 226 -15.38 19.64 -28.25
C VAL A 226 -15.68 19.74 -29.74
N ALA A 227 -16.78 20.41 -30.05
CA ALA A 227 -17.22 20.60 -31.43
C ALA A 227 -18.23 21.74 -31.44
N LEU A 228 -18.10 22.74 -32.34
CA LEU A 228 -17.23 22.82 -33.53
C LEU A 228 -17.57 21.63 -34.45
N SER A 229 -18.75 21.65 -35.05
CA SER A 229 -19.51 22.87 -35.27
C SER A 229 -20.47 23.26 -34.16
N GLY A 230 -21.43 22.39 -33.86
CA GLY A 230 -22.63 22.77 -33.15
C GLY A 230 -22.47 23.74 -31.99
N TYR A 231 -23.05 24.94 -32.15
CA TYR A 231 -23.10 25.89 -31.06
C TYR A 231 -24.43 26.63 -30.99
N ASP A 232 -25.50 26.10 -31.58
CA ASP A 232 -26.83 26.70 -31.52
C ASP A 232 -27.87 25.74 -30.96
N GLN A 233 -27.42 24.70 -30.26
CA GLN A 233 -28.29 23.58 -29.90
C GLN A 233 -28.86 23.68 -28.50
N VAL A 234 -28.15 24.32 -27.59
CA VAL A 234 -28.52 24.44 -26.16
C VAL A 234 -29.25 23.22 -25.62
N ASN A 242 -25.42 27.85 -24.53
CA ASN A 242 -25.46 26.85 -25.59
C ASN A 242 -24.32 25.84 -25.47
N ARG A 243 -23.99 25.22 -26.61
CA ARG A 243 -22.97 24.18 -26.61
C ARG A 243 -21.60 24.74 -26.27
N MET A 244 -21.17 25.81 -26.95
CA MET A 244 -19.88 26.40 -26.64
C MET A 244 -19.82 26.88 -25.20
N HIS A 245 -20.88 27.52 -24.71
CA HIS A 245 -20.86 28.02 -23.35
C HIS A 245 -20.72 26.87 -22.36
N GLU A 246 -21.46 25.79 -22.56
CA GLU A 246 -21.39 24.66 -21.64
C GLU A 246 -20.01 24.02 -21.69
N SER A 247 -19.48 23.80 -22.89
CA SER A 247 -18.16 23.21 -23.02
C SER A 247 -17.10 24.09 -22.38
N LEU A 248 -17.19 25.40 -22.58
CA LEU A 248 -16.22 26.32 -22.02
C LEU A 248 -16.27 26.31 -20.50
N MET A 249 -17.47 26.35 -19.92
CA MET A 249 -17.54 26.32 -18.46
C MET A 249 -17.07 25.00 -17.88
N LEU A 250 -17.36 23.88 -18.55
CA LEU A 250 -16.84 22.60 -18.07
C LEU A 250 -15.31 22.57 -18.16
N PHE A 251 -14.76 23.10 -19.25
CA PHE A 251 -13.32 23.16 -19.41
C PHE A 251 -12.68 23.99 -18.32
N ASP A 252 -13.28 25.16 -18.03
CA ASP A 252 -12.77 25.99 -16.94
C ASP A 252 -12.84 25.27 -15.61
N SER A 253 -13.97 24.59 -15.35
CA SER A 253 -14.14 23.89 -14.08
C SER A 253 -13.08 22.82 -13.89
N ILE A 254 -12.76 22.08 -14.95
CA ILE A 254 -11.76 21.03 -14.76
C ILE A 254 -10.34 21.57 -14.90
N CYS A 255 -10.17 22.78 -15.44
CA CYS A 255 -8.83 23.35 -15.52
C CYS A 255 -8.44 24.05 -14.24
N ASN A 256 -9.41 24.45 -13.42
CA ASN A 256 -9.13 25.01 -12.11
C ASN A 256 -9.72 24.07 -11.06
N ASN A 257 -8.87 23.22 -10.48
CA ASN A 257 -9.28 22.28 -9.44
C ASN A 257 -8.29 22.35 -8.29
N LYS A 258 -8.77 22.01 -7.10
CA LYS A 258 -7.93 22.04 -5.91
C LYS A 258 -6.70 21.16 -6.09
N PHE A 259 -6.91 19.86 -6.22
CA PHE A 259 -5.89 18.97 -6.75
C PHE A 259 -5.98 19.02 -8.27
N PHE A 260 -5.24 18.13 -8.93
CA PHE A 260 -5.41 17.93 -10.37
C PHE A 260 -5.06 19.20 -11.16
N ILE A 261 -4.33 20.12 -10.53
CA ILE A 261 -4.09 21.44 -11.09
C ILE A 261 -2.85 21.51 -11.98
N ASP A 262 -1.91 20.59 -11.82
CA ASP A 262 -0.63 20.66 -12.53
C ASP A 262 -0.52 19.60 -13.61
N THR A 263 -1.64 19.19 -14.19
CA THR A 263 -1.67 18.18 -15.24
C THR A 263 -2.00 18.87 -16.55
N SER A 264 -1.08 18.83 -17.50
CA SER A 264 -1.30 19.47 -18.78
C SER A 264 -2.45 18.79 -19.52
N ILE A 265 -3.05 19.54 -20.44
CA ILE A 265 -4.27 19.12 -21.12
C ILE A 265 -4.01 19.08 -22.61
N ILE A 266 -4.39 17.97 -23.25
CA ILE A 266 -4.42 17.87 -24.70
C ILE A 266 -5.83 18.23 -25.15
N LEU A 267 -5.96 19.17 -26.08
CA LEU A 267 -7.25 19.65 -26.52
C LEU A 267 -7.48 19.22 -27.96
N PHE A 268 -8.67 18.67 -28.23
CA PHE A 268 -9.05 18.23 -29.55
C PHE A 268 -10.28 19.00 -30.00
N LEU A 269 -10.21 19.57 -31.20
CA LEU A 269 -11.35 20.22 -31.84
C LEU A 269 -11.65 19.39 -33.08
N ASN A 270 -12.63 18.50 -32.96
CA ASN A 270 -12.96 17.57 -34.03
C ASN A 270 -14.13 18.11 -34.85
N LYS A 271 -14.45 17.39 -35.93
CA LYS A 271 -15.50 17.77 -36.86
C LYS A 271 -15.22 19.14 -37.50
N LYS A 272 -14.12 19.17 -38.26
CA LYS A 272 -13.74 20.41 -38.94
C LYS A 272 -14.71 20.78 -40.05
N ASP A 273 -15.14 19.79 -40.84
CA ASP A 273 -15.90 20.09 -42.05
C ASP A 273 -17.27 20.68 -41.73
N LEU A 274 -17.93 20.19 -40.68
CA LEU A 274 -19.21 20.76 -40.30
C LEU A 274 -19.08 22.21 -39.89
N PHE A 275 -18.04 22.53 -39.12
CA PHE A 275 -17.83 23.92 -38.72
C PHE A 275 -17.42 24.77 -39.90
N GLY A 276 -16.75 24.17 -40.89
CA GLY A 276 -16.46 24.89 -42.12
C GLY A 276 -17.72 25.25 -42.88
N GLU A 277 -18.63 24.29 -43.04
CA GLU A 277 -19.84 24.56 -43.80
C GLU A 277 -20.78 25.48 -43.04
N LYS A 278 -20.81 25.40 -41.71
CA LYS A 278 -21.73 26.22 -40.94
C LYS A 278 -21.43 27.70 -41.05
N ILE A 279 -20.22 28.07 -41.47
CA ILE A 279 -19.86 29.47 -41.60
C ILE A 279 -20.05 29.98 -43.02
N LYS A 280 -19.67 29.18 -44.02
CA LYS A 280 -19.91 29.58 -45.40
C LYS A 280 -21.39 29.58 -45.77
N LYS A 281 -22.25 29.03 -44.92
CA LYS A 281 -23.70 29.05 -45.11
C LYS A 281 -24.42 29.94 -44.11
N SER A 282 -24.07 29.85 -42.83
CA SER A 282 -24.74 30.62 -41.78
C SER A 282 -23.71 31.34 -40.91
N PRO A 283 -23.02 32.33 -41.47
CA PRO A 283 -22.11 33.13 -40.66
C PRO A 283 -22.86 34.18 -39.85
N LEU A 284 -22.29 34.53 -38.69
CA LEU A 284 -21.07 33.91 -38.17
C LEU A 284 -21.25 32.87 -37.04
N THR A 285 -22.20 33.00 -36.11
CA THR A 285 -23.11 34.15 -35.94
C THR A 285 -22.44 35.43 -35.39
N ILE A 286 -21.66 35.38 -34.31
CA ILE A 286 -21.34 34.18 -33.52
C ILE A 286 -22.19 34.20 -32.26
N CYS A 287 -22.39 33.03 -31.65
CA CYS A 287 -22.93 32.99 -30.31
C CYS A 287 -22.09 33.82 -29.36
N PHE A 288 -20.79 33.91 -29.60
CA PHE A 288 -19.96 34.89 -28.94
C PHE A 288 -20.19 36.25 -29.59
N PRO A 289 -20.65 37.26 -28.84
CA PRO A 289 -20.72 38.60 -29.42
C PRO A 289 -19.34 39.22 -29.50
N GLU A 290 -19.27 40.48 -29.95
CA GLU A 290 -18.04 41.27 -30.03
C GLU A 290 -16.86 40.49 -30.61
N TYR A 291 -17.14 39.53 -31.50
CA TYR A 291 -16.08 38.78 -32.12
C TYR A 291 -15.14 39.69 -32.90
N THR A 292 -15.70 40.57 -33.72
CA THR A 292 -14.96 41.62 -34.43
C THR A 292 -13.80 40.99 -35.22
N GLY A 293 -14.18 40.24 -36.25
CA GLY A 293 -13.23 39.60 -37.11
C GLY A 293 -13.80 39.25 -38.47
N PRO A 294 -12.99 38.63 -39.32
CA PRO A 294 -13.46 38.28 -40.66
C PRO A 294 -14.42 37.09 -40.63
N ASN A 295 -14.80 36.61 -41.81
CA ASN A 295 -15.82 35.57 -41.90
C ASN A 295 -15.20 34.17 -41.80
N THR A 296 -14.31 33.84 -42.74
CA THR A 296 -13.69 32.52 -42.82
C THR A 296 -12.19 32.69 -42.97
N TYR A 297 -11.42 31.68 -42.56
CA TYR A 297 -11.84 30.54 -41.75
C TYR A 297 -10.98 30.37 -40.51
N GLU A 298 -9.67 30.51 -40.75
CA GLU A 298 -8.70 30.43 -39.68
C GLU A 298 -8.89 31.56 -38.68
N ASP A 299 -9.50 32.67 -39.11
CA ASP A 299 -9.89 33.72 -38.18
C ASP A 299 -10.73 33.17 -37.05
N ALA A 300 -11.90 32.61 -37.38
CA ALA A 300 -12.79 32.07 -36.37
C ALA A 300 -12.16 30.89 -35.65
N ALA A 301 -11.47 30.02 -36.38
CA ALA A 301 -10.84 28.86 -35.76
C ALA A 301 -9.87 29.29 -34.66
N ALA A 302 -8.94 30.18 -35.00
CA ALA A 302 -7.97 30.66 -34.03
C ALA A 302 -8.64 31.46 -32.93
N TYR A 303 -9.75 32.16 -33.24
CA TYR A 303 -10.42 32.93 -32.21
C TYR A 303 -10.97 32.02 -31.13
N ILE A 304 -11.73 31.00 -31.53
CA ILE A 304 -12.28 30.09 -30.53
C ILE A 304 -11.17 29.30 -29.85
N GLN A 305 -10.12 28.95 -30.58
CA GLN A 305 -9.00 28.26 -29.96
C GLN A 305 -8.40 29.11 -28.86
N ALA A 306 -8.03 30.35 -29.17
CA ALA A 306 -7.48 31.26 -28.16
C ALA A 306 -8.44 31.47 -27.01
N GLN A 307 -9.75 31.47 -27.30
CA GLN A 307 -10.73 31.52 -26.24
C GLN A 307 -10.54 30.34 -25.27
N PHE A 308 -10.24 29.16 -25.81
CA PHE A 308 -9.99 28.02 -24.94
C PHE A 308 -8.64 28.13 -24.22
N GLU A 309 -7.57 28.55 -24.91
CA GLU A 309 -6.33 28.72 -24.16
C GLU A 309 -6.41 29.85 -23.15
N SER A 310 -7.48 30.65 -23.16
CA SER A 310 -7.70 31.55 -22.06
C SER A 310 -8.07 30.75 -20.81
N LYS A 311 -8.38 31.48 -19.74
CA LYS A 311 -8.78 30.90 -18.45
C LYS A 311 -7.87 29.74 -18.03
N ASN A 312 -6.56 30.01 -18.07
CA ASN A 312 -5.55 29.08 -17.57
C ASN A 312 -4.69 29.85 -16.58
N ARG A 313 -5.05 29.80 -15.29
CA ARG A 313 -4.32 30.53 -14.28
C ARG A 313 -2.89 30.05 -14.11
N SER A 314 -2.63 28.77 -14.37
CA SER A 314 -1.32 28.42 -13.84
C SER A 314 -0.25 28.48 -14.91
N PRO A 315 0.98 28.81 -14.50
CA PRO A 315 2.13 28.59 -15.39
C PRO A 315 2.57 27.14 -15.30
N ASN A 316 3.72 26.82 -15.91
CA ASN A 316 4.30 25.48 -15.91
C ASN A 316 3.25 24.40 -16.15
N LYS A 317 2.33 24.68 -17.07
CA LYS A 317 1.30 23.73 -17.48
C LYS A 317 0.76 24.22 -18.81
N GLU A 318 0.74 23.34 -19.80
CA GLU A 318 0.47 23.74 -21.17
C GLU A 318 -0.79 23.08 -21.69
N ILE A 319 -1.38 23.71 -22.70
CA ILE A 319 -2.54 23.16 -23.41
C ILE A 319 -2.14 22.95 -24.85
N TYR A 320 -2.07 21.70 -25.27
CA TYR A 320 -1.80 21.34 -26.65
C TYR A 320 -3.12 21.19 -27.39
N CYS A 321 -3.21 21.80 -28.56
CA CYS A 321 -4.46 21.84 -29.30
C CYS A 321 -4.26 21.31 -30.71
N HIS A 322 -5.37 20.86 -31.31
CA HIS A 322 -5.33 20.28 -32.64
C HIS A 322 -6.71 20.37 -33.26
N MET A 323 -6.74 20.24 -34.58
CA MET A 323 -7.97 20.23 -35.35
C MET A 323 -8.14 18.85 -35.97
N THR A 324 -9.29 18.24 -35.75
CA THR A 324 -9.56 16.89 -36.22
C THR A 324 -10.71 16.92 -37.21
N CYS A 325 -10.52 16.25 -38.36
CA CYS A 325 -11.51 16.22 -39.42
C CYS A 325 -12.42 15.01 -39.33
N ALA A 326 -12.30 14.21 -38.27
CA ALA A 326 -13.03 12.96 -38.07
C ALA A 326 -12.65 11.90 -39.10
N THR A 327 -11.60 12.15 -39.89
CA THR A 327 -11.13 11.17 -40.85
C THR A 327 -9.61 11.07 -40.91
N ASP A 328 -8.89 11.78 -40.05
CA ASP A 328 -7.44 11.70 -40.00
C ASP A 328 -7.01 10.36 -39.41
N THR A 329 -5.71 10.07 -39.56
CA THR A 329 -5.15 8.83 -39.03
C THR A 329 -3.83 9.05 -38.31
N ASN A 330 -3.52 10.28 -37.90
CA ASN A 330 -2.28 10.59 -37.22
C ASN A 330 -2.50 11.23 -35.84
N ASN A 331 -3.74 11.21 -35.34
CA ASN A 331 -3.98 11.74 -34.00
C ASN A 331 -3.16 11.00 -32.96
N ILE A 332 -2.84 9.73 -33.23
CA ILE A 332 -1.95 9.00 -32.34
C ILE A 332 -0.59 9.67 -32.30
N GLN A 333 -0.11 10.15 -33.46
CA GLN A 333 1.19 10.81 -33.51
C GLN A 333 1.20 12.09 -32.69
N VAL A 334 0.14 12.89 -32.79
CA VAL A 334 0.13 14.14 -32.03
C VAL A 334 -0.02 13.85 -30.54
N VAL A 335 -0.78 12.82 -30.18
CA VAL A 335 -0.86 12.41 -28.78
C VAL A 335 0.52 12.00 -28.27
N PHE A 336 1.24 11.23 -29.09
CA PHE A 336 2.58 10.79 -28.72
C PHE A 336 3.51 11.97 -28.54
N ASP A 337 3.43 12.95 -29.43
CA ASP A 337 4.29 14.12 -29.31
C ASP A 337 3.98 14.92 -28.06
N ALA A 338 2.70 15.12 -27.77
CA ALA A 338 2.34 15.83 -26.55
C ALA A 338 2.83 15.08 -25.32
N VAL A 339 2.68 13.76 -25.31
CA VAL A 339 3.08 12.97 -24.16
C VAL A 339 4.60 13.05 -23.97
N THR A 340 5.36 12.95 -25.05
CA THR A 340 6.80 13.04 -24.90
C THR A 340 7.23 14.43 -24.46
N ASP A 341 6.51 15.47 -24.89
CA ASP A 341 6.82 16.81 -24.40
C ASP A 341 6.55 16.91 -22.91
N ILE A 342 5.45 16.32 -22.45
CA ILE A 342 5.16 16.34 -21.01
C ILE A 342 6.21 15.59 -20.23
N ILE A 343 6.66 14.45 -20.76
CA ILE A 343 7.70 13.68 -20.11
C ILE A 343 8.98 14.49 -19.99
N ILE A 344 9.36 15.17 -21.07
CA ILE A 344 10.56 16.01 -21.03
C ILE A 344 10.39 17.11 -20.01
N ALA A 345 9.21 17.74 -19.97
CA ALA A 345 8.98 18.81 -19.01
C ALA A 345 9.09 18.30 -17.58
N ASN A 346 8.55 17.12 -17.30
CA ASN A 346 8.64 16.56 -15.96
C ASN A 346 10.08 16.24 -15.59
N ASN A 347 10.84 15.65 -16.53
CA ASN A 347 12.23 15.34 -16.27
C ASN A 347 13.01 16.61 -15.97
N LEU A 348 12.77 17.63 -16.70
CA LEU A 348 13.47 18.84 -16.53
C LEU A 348 13.03 19.42 -15.31
N ARG A 349 11.92 18.96 -14.79
CA ARG A 349 11.39 19.54 -13.60
C ARG A 349 12.13 19.44 -12.32
N GLY A 350 12.83 18.32 -12.11
CA GLY A 350 13.62 18.19 -10.90
C GLY A 350 14.96 18.76 -11.33
N CYS A 351 15.34 19.87 -10.72
CA CYS A 351 16.59 20.54 -11.08
C CYS A 351 16.69 20.84 -12.58
N GLY A 352 15.61 21.33 -13.21
CA GLY A 352 14.36 21.64 -12.53
C GLY A 352 14.48 22.55 -11.33
N LEU A 353 15.01 23.77 -11.49
CA LEU A 353 15.44 24.34 -12.77
C LEU A 353 14.33 24.29 -13.82
N TYR A 354 13.12 24.61 -13.38
CA TYR A 354 11.94 24.63 -14.21
C TYR A 354 12.34 24.97 -15.62
N GLN B 15 -50.51 22.08 -5.37
CA GLN B 15 -51.28 20.95 -4.88
C GLN B 15 -50.87 19.65 -5.58
N LEU B 16 -50.64 18.60 -4.79
CA LEU B 16 -50.77 18.67 -3.34
C LEU B 16 -49.40 18.80 -2.68
N ARG B 17 -48.52 19.55 -3.32
CA ARG B 17 -47.18 19.78 -2.77
C ARG B 17 -47.24 20.49 -1.43
N GLN B 18 -48.26 21.33 -1.21
CA GLN B 18 -48.38 22.04 0.06
C GLN B 18 -48.71 21.10 1.21
N GLU B 19 -49.40 20.00 0.92
CA GLU B 19 -49.69 19.02 1.96
C GLU B 19 -48.40 18.45 2.55
N ALA B 20 -47.41 18.17 1.70
CA ALA B 20 -46.15 17.64 2.18
C ALA B 20 -45.43 18.62 3.10
N GLU B 21 -45.41 19.91 2.72
CA GLU B 21 -44.75 20.88 3.59
C GLU B 21 -45.51 21.08 4.89
N GLN B 22 -46.84 20.97 4.85
CA GLN B 22 -47.60 21.00 6.10
C GLN B 22 -47.22 19.83 7.00
N LEU B 23 -47.09 18.63 6.40
CA LEU B 23 -46.65 17.46 7.16
C LEU B 23 -45.29 17.70 7.80
N LYS B 24 -44.35 18.23 7.02
CA LYS B 24 -43.05 18.61 7.56
C LYS B 24 -43.21 19.57 8.72
N ASN B 25 -44.12 20.54 8.60
CA ASN B 25 -44.29 21.53 9.65
C ASN B 25 -44.77 20.89 10.96
N GLN B 26 -45.81 20.06 10.90
CA GLN B 26 -46.29 19.52 12.17
C GLN B 26 -45.29 18.52 12.74
N ILE B 27 -44.58 17.78 11.88
CA ILE B 27 -43.61 16.82 12.41
C ILE B 27 -42.45 17.56 13.06
N ARG B 28 -42.00 18.67 12.46
CA ARG B 28 -40.92 19.45 13.06
C ARG B 28 -41.35 20.07 14.38
N ASP B 29 -42.57 20.62 14.42
CA ASP B 29 -43.05 21.22 15.66
C ASP B 29 -43.22 20.17 16.75
N ALA B 30 -43.67 18.97 16.38
CA ALA B 30 -43.80 17.89 17.35
C ALA B 30 -42.43 17.47 17.88
N ARG B 31 -41.42 17.39 17.00
CA ARG B 31 -40.08 17.07 17.50
C ARG B 31 -39.58 18.16 18.43
N LYS B 32 -39.82 19.42 18.09
CA LYS B 32 -39.39 20.51 18.97
C LYS B 32 -40.06 20.41 20.33
N ALA B 33 -41.37 20.13 20.34
CA ALA B 33 -42.09 20.01 21.61
C ALA B 33 -41.58 18.82 22.42
N CYS B 34 -41.28 17.71 21.77
CA CYS B 34 -40.89 16.49 22.46
C CYS B 34 -39.47 16.56 23.05
N ALA B 35 -38.79 17.70 22.92
CA ALA B 35 -37.42 17.80 23.41
C ALA B 35 -37.22 19.15 24.10
N ASP B 36 -36.48 19.13 25.19
CA ASP B 36 -36.07 20.35 25.89
C ASP B 36 -34.57 20.43 26.10
N ALA B 37 -33.92 19.31 26.41
CA ALA B 37 -32.48 19.31 26.63
C ALA B 37 -31.73 19.30 25.30
N THR B 38 -30.64 20.09 25.17
CA THR B 38 -29.94 20.94 26.16
C THR B 38 -29.63 20.27 27.52
N LEU B 39 -28.73 19.28 27.58
CA LEU B 39 -27.62 18.97 26.65
C LEU B 39 -26.75 20.18 26.34
N SER B 40 -26.81 21.16 27.21
CA SER B 40 -25.85 22.24 27.34
C SER B 40 -25.20 22.24 28.71
N GLN B 41 -25.97 21.93 29.75
CA GLN B 41 -25.45 21.79 31.10
C GLN B 41 -25.51 20.37 31.63
N ILE B 42 -26.27 19.48 30.98
CA ILE B 42 -26.33 18.10 31.41
C ILE B 42 -24.96 17.44 31.24
N THR B 43 -24.73 16.39 32.04
CA THR B 43 -23.53 15.56 32.00
C THR B 43 -22.27 16.33 32.33
N ASN B 44 -22.37 17.61 32.71
CA ASN B 44 -21.20 18.32 33.21
C ASN B 44 -20.68 17.71 34.49
N ASN B 45 -21.51 16.95 35.20
CA ASN B 45 -21.09 16.32 36.44
C ASN B 45 -19.98 15.30 36.21
N ILE B 46 -20.13 14.46 35.18
CA ILE B 46 -19.19 13.37 34.99
C ILE B 46 -17.82 13.92 34.59
N ASP B 47 -16.78 13.24 35.05
CA ASP B 47 -15.43 13.76 34.92
C ASP B 47 -15.00 13.74 33.45
N PRO B 48 -14.43 14.82 32.94
CA PRO B 48 -13.80 14.77 31.62
C PRO B 48 -12.66 13.77 31.61
N VAL B 49 -12.52 13.08 30.48
CA VAL B 49 -11.50 12.05 30.37
C VAL B 49 -10.10 12.64 30.24
N GLY B 50 -9.99 13.95 30.16
CA GLY B 50 -8.68 14.57 30.11
C GLY B 50 -8.01 14.43 28.76
N ARG B 51 -6.68 14.48 28.77
CA ARG B 51 -5.88 14.42 27.56
C ARG B 51 -5.45 13.00 27.29
N ILE B 52 -5.74 12.51 26.09
CA ILE B 52 -5.44 11.15 25.66
C ILE B 52 -4.24 11.17 24.74
N GLN B 53 -3.26 10.33 25.02
CA GLN B 53 -2.07 10.22 24.20
C GLN B 53 -2.12 8.92 23.41
N MET B 54 -1.76 8.99 22.14
CA MET B 54 -1.72 7.84 21.26
C MET B 54 -0.32 7.74 20.68
N ARG B 55 0.13 6.52 20.44
CA ARG B 55 1.46 6.30 19.89
C ARG B 55 1.40 5.25 18.80
N THR B 56 2.07 5.52 17.69
CA THR B 56 2.20 4.52 16.65
C THR B 56 2.92 3.29 17.20
N ARG B 57 2.35 2.12 16.96
CA ARG B 57 2.95 0.87 17.40
C ARG B 57 3.47 0.02 16.25
N ARG B 58 2.80 0.03 15.11
CA ARG B 58 3.25 -0.66 13.92
C ARG B 58 3.03 0.23 12.71
N THR B 59 3.73 -0.07 11.63
CA THR B 59 3.59 0.65 10.37
C THR B 59 3.61 -0.34 9.23
N LEU B 60 2.45 -0.57 8.61
CA LEU B 60 2.32 -1.51 7.51
C LEU B 60 2.56 -0.78 6.20
N ARG B 61 3.61 -1.15 5.49
CA ARG B 61 4.14 -0.35 4.39
C ARG B 61 4.29 -1.19 3.13
N GLY B 62 3.23 -1.89 2.75
CA GLY B 62 3.29 -2.70 1.55
C GLY B 62 2.78 -2.02 0.29
N HIS B 63 1.72 -1.22 0.42
CA HIS B 63 1.04 -0.67 -0.74
C HIS B 63 1.93 0.31 -1.50
N LEU B 64 1.50 0.64 -2.72
CA LEU B 64 2.26 1.51 -3.61
C LEU B 64 1.44 2.69 -4.13
N ALA B 65 0.25 2.92 -3.62
CA ALA B 65 -0.58 4.03 -4.06
C ALA B 65 -1.55 4.39 -2.94
N LYS B 66 -2.48 5.28 -3.23
CA LYS B 66 -3.47 5.66 -2.25
C LYS B 66 -4.26 4.44 -1.79
N ILE B 67 -4.56 4.37 -0.49
CA ILE B 67 -5.42 3.32 0.03
C ILE B 67 -6.74 3.98 0.39
N TYR B 68 -7.84 3.26 0.14
CA TYR B 68 -9.16 3.85 0.19
C TYR B 68 -10.07 3.26 1.26
N ALA B 69 -9.81 2.04 1.72
CA ALA B 69 -10.67 1.45 2.74
C ALA B 69 -9.91 0.37 3.48
N MET B 70 -10.36 0.10 4.70
CA MET B 70 -9.83 -0.99 5.50
C MET B 70 -10.94 -1.51 6.40
N HIS B 71 -10.75 -2.73 6.89
CA HIS B 71 -11.74 -3.34 7.78
C HIS B 71 -11.06 -4.38 8.66
N TRP B 72 -11.51 -4.47 9.90
CA TRP B 72 -10.98 -5.43 10.85
C TRP B 72 -11.71 -6.76 10.74
N GLY B 73 -11.01 -7.82 11.11
CA GLY B 73 -11.66 -9.09 11.33
C GLY B 73 -12.31 -9.16 12.69
N THR B 74 -13.08 -10.22 12.92
CA THR B 74 -13.71 -10.39 14.23
C THR B 74 -12.71 -10.89 15.26
N ASP B 75 -11.66 -11.57 14.84
CA ASP B 75 -10.62 -12.00 15.76
C ASP B 75 -9.83 -10.82 16.33
N SER B 76 -10.01 -9.63 15.78
CA SER B 76 -9.29 -8.43 16.19
C SER B 76 -7.79 -8.57 16.00
N ARG B 77 -7.38 -9.38 15.04
CA ARG B 77 -5.98 -9.51 14.70
C ARG B 77 -5.69 -9.32 13.23
N LEU B 78 -6.57 -9.77 12.36
CA LEU B 78 -6.39 -9.66 10.92
C LEU B 78 -7.21 -8.50 10.37
N LEU B 79 -6.68 -7.83 9.37
CA LEU B 79 -7.39 -6.74 8.72
C LEU B 79 -7.03 -6.71 7.25
N VAL B 80 -7.92 -6.13 6.45
CA VAL B 80 -7.78 -6.08 5.01
C VAL B 80 -7.78 -4.63 4.58
N SER B 81 -6.97 -4.31 3.57
CA SER B 81 -6.87 -2.95 3.05
C SER B 81 -6.93 -2.99 1.54
N ALA B 82 -7.54 -1.96 0.95
CA ALA B 82 -7.72 -1.86 -0.50
C ALA B 82 -7.09 -0.57 -1.00
N SER B 83 -6.34 -0.65 -2.08
CA SER B 83 -5.63 0.50 -2.60
C SER B 83 -5.75 0.55 -4.12
N GLN B 84 -5.49 1.74 -4.66
CA GLN B 84 -5.73 2.01 -6.07
C GLN B 84 -4.77 1.27 -7.00
N ASP B 85 -3.71 0.66 -6.49
CA ASP B 85 -2.85 -0.15 -7.33
C ASP B 85 -3.47 -1.49 -7.69
N GLY B 86 -4.74 -1.69 -7.35
CA GLY B 86 -5.44 -2.91 -7.70
C GLY B 86 -5.01 -4.14 -6.96
N LYS B 87 -4.83 -4.05 -5.65
CA LYS B 87 -4.45 -5.20 -4.85
C LYS B 87 -5.11 -5.14 -3.48
N LEU B 88 -5.39 -6.31 -2.92
CA LEU B 88 -5.91 -6.47 -1.58
C LEU B 88 -4.87 -7.18 -0.72
N ILE B 89 -4.69 -6.70 0.50
CA ILE B 89 -3.70 -7.25 1.42
C ILE B 89 -4.39 -7.64 2.71
N ILE B 90 -4.09 -8.83 3.21
CA ILE B 90 -4.50 -9.26 4.53
C ILE B 90 -3.28 -9.19 5.44
N TRP B 91 -3.35 -8.35 6.47
CA TRP B 91 -2.22 -8.15 7.35
C TRP B 91 -2.37 -8.96 8.62
N ASP B 92 -1.24 -9.28 9.25
CA ASP B 92 -1.19 -9.83 10.59
C ASP B 92 -0.71 -8.68 11.48
N SER B 93 -1.66 -7.99 12.10
CA SER B 93 -1.34 -6.76 12.81
C SER B 93 -0.39 -7.01 13.97
N TYR B 94 -0.41 -8.20 14.55
CA TYR B 94 0.49 -8.50 15.66
C TYR B 94 1.94 -8.51 15.20
N THR B 95 2.20 -9.09 14.03
CA THR B 95 3.57 -9.29 13.56
C THR B 95 3.88 -8.58 12.25
N THR B 96 2.95 -7.79 11.71
CA THR B 96 3.17 -7.04 10.47
C THR B 96 3.54 -7.96 9.31
N ASN B 97 2.94 -9.14 9.28
CA ASN B 97 3.14 -10.08 8.19
C ASN B 97 1.97 -10.04 7.23
N LYS B 98 2.24 -10.31 5.97
CA LYS B 98 1.21 -10.35 4.93
C LYS B 98 0.75 -11.79 4.78
N VAL B 99 -0.55 -12.01 4.98
CA VAL B 99 -1.11 -13.35 4.86
C VAL B 99 -1.45 -13.67 3.41
N HIS B 100 -2.21 -12.81 2.75
CA HIS B 100 -2.57 -13.01 1.36
C HIS B 100 -2.40 -11.70 0.60
N ALA B 101 -2.13 -11.83 -0.70
CA ALA B 101 -2.16 -10.70 -1.62
C ALA B 101 -3.08 -11.08 -2.77
N ILE B 102 -4.10 -10.27 -3.00
CA ILE B 102 -5.16 -10.58 -3.95
C ILE B 102 -5.09 -9.58 -5.09
N PRO B 103 -4.91 -10.01 -6.33
CA PRO B 103 -4.93 -9.07 -7.46
C PRO B 103 -6.35 -8.88 -7.97
N LEU B 104 -6.75 -7.62 -8.12
CA LEU B 104 -8.10 -7.29 -8.50
C LEU B 104 -8.26 -7.24 -10.02
N ARG B 105 -9.47 -7.55 -10.48
CA ARG B 105 -9.75 -7.46 -11.91
C ARG B 105 -9.78 -6.02 -12.37
N SER B 106 -10.46 -5.16 -11.62
CA SER B 106 -10.53 -3.73 -11.91
C SER B 106 -9.84 -2.95 -10.81
N SER B 107 -8.88 -2.11 -11.19
CA SER B 107 -8.02 -1.45 -10.22
C SER B 107 -8.73 -0.33 -9.47
N TRP B 108 -9.88 0.13 -9.95
CA TRP B 108 -10.55 1.29 -9.36
C TRP B 108 -11.47 0.81 -8.25
N VAL B 109 -10.87 0.40 -7.14
CA VAL B 109 -11.60 -0.10 -5.98
C VAL B 109 -11.80 1.05 -5.01
N MET B 110 -12.97 1.08 -4.37
CA MET B 110 -13.30 2.15 -3.45
C MET B 110 -13.80 1.68 -2.10
N THR B 111 -13.93 0.38 -1.87
CA THR B 111 -14.39 -0.11 -0.58
C THR B 111 -14.02 -1.57 -0.43
N CYS B 112 -14.04 -2.03 0.83
CA CYS B 112 -13.75 -3.42 1.14
C CYS B 112 -14.46 -3.78 2.44
N ALA B 113 -14.64 -5.08 2.66
CA ALA B 113 -15.32 -5.54 3.86
C ALA B 113 -14.87 -6.94 4.21
N TYR B 114 -14.90 -7.26 5.50
CA TYR B 114 -14.45 -8.54 6.04
C TYR B 114 -15.65 -9.29 6.58
N ALA B 115 -15.82 -10.53 6.14
CA ALA B 115 -16.95 -11.32 6.60
C ALA B 115 -16.78 -11.66 8.08
N PRO B 116 -17.87 -11.70 8.85
CA PRO B 116 -17.74 -12.04 10.27
C PRO B 116 -17.17 -13.43 10.52
N SER B 117 -17.49 -14.40 9.65
CA SER B 117 -16.97 -15.73 9.82
C SER B 117 -15.49 -15.82 9.50
N GLY B 118 -14.94 -14.84 8.79
CA GLY B 118 -13.55 -14.86 8.41
C GLY B 118 -13.24 -15.70 7.19
N ASN B 119 -14.25 -16.24 6.52
CA ASN B 119 -14.04 -17.07 5.34
C ASN B 119 -14.11 -16.29 4.04
N TYR B 120 -14.67 -15.07 4.06
CA TYR B 120 -14.91 -14.33 2.83
C TYR B 120 -14.45 -12.89 3.01
N VAL B 121 -14.14 -12.27 1.87
CA VAL B 121 -13.81 -10.86 1.82
C VAL B 121 -14.42 -10.30 0.54
N ALA B 122 -14.85 -9.04 0.60
CA ALA B 122 -15.55 -8.42 -0.52
C ALA B 122 -14.95 -7.06 -0.82
N CYS B 123 -14.90 -6.73 -2.10
CA CYS B 123 -14.42 -5.43 -2.53
C CYS B 123 -15.24 -4.98 -3.73
N GLY B 124 -15.26 -3.67 -3.94
CA GLY B 124 -15.97 -3.09 -5.06
C GLY B 124 -15.60 -1.64 -5.22
N GLY B 125 -16.06 -1.06 -6.31
CA GLY B 125 -15.69 0.31 -6.59
C GLY B 125 -16.30 0.90 -7.85
N LEU B 126 -15.45 1.54 -8.64
CA LEU B 126 -15.89 2.36 -9.75
C LEU B 126 -16.33 1.52 -10.95
N ASP B 127 -16.44 0.21 -10.81
CA ASP B 127 -16.87 -0.67 -11.88
C ASP B 127 -18.30 -1.16 -11.71
N ASN B 128 -19.02 -0.65 -10.71
CA ASN B 128 -20.44 -0.89 -10.45
C ASN B 128 -20.75 -2.30 -9.97
N ILE B 129 -19.76 -3.16 -9.80
CA ILE B 129 -20.01 -4.53 -9.39
C ILE B 129 -19.25 -4.81 -8.10
N CYS B 130 -19.76 -5.77 -7.34
CA CYS B 130 -19.17 -6.17 -6.06
C CYS B 130 -18.69 -7.61 -6.18
N SER B 131 -17.42 -7.83 -5.86
CA SER B 131 -16.79 -9.13 -5.97
C SER B 131 -16.65 -9.77 -4.60
N ILE B 132 -16.88 -11.08 -4.54
CA ILE B 132 -16.77 -11.86 -3.31
C ILE B 132 -15.64 -12.85 -3.49
N TYR B 133 -14.73 -12.90 -2.52
CA TYR B 133 -13.56 -13.75 -2.58
C TYR B 133 -13.61 -14.81 -1.48
N ASN B 134 -13.19 -16.02 -1.83
CA ASN B 134 -13.18 -17.14 -0.91
C ASN B 134 -11.77 -17.33 -0.37
N LEU B 135 -11.64 -17.32 0.96
CA LEU B 135 -10.33 -17.44 1.58
C LEU B 135 -9.94 -18.88 1.86
N LYS B 136 -10.89 -19.72 2.26
CA LYS B 136 -10.60 -21.10 2.63
C LYS B 136 -10.94 -22.00 1.45
N THR B 137 -9.92 -22.40 0.69
CA THR B 137 -10.11 -23.29 -0.44
C THR B 137 -9.25 -24.52 -0.27
N ARG B 138 -9.55 -25.55 -1.06
CA ARG B 138 -8.73 -26.75 -1.07
C ARG B 138 -7.42 -26.54 -1.81
N GLU B 139 -7.36 -25.57 -2.71
CA GLU B 139 -6.17 -25.36 -3.54
C GLU B 139 -5.19 -24.38 -2.91
N GLY B 140 -5.49 -23.84 -1.74
CA GLY B 140 -4.58 -22.92 -1.09
C GLY B 140 -4.39 -21.62 -1.83
N ASN B 141 -5.44 -21.08 -2.41
CA ASN B 141 -5.39 -19.77 -3.05
C ASN B 141 -6.77 -19.15 -2.99
N VAL B 142 -6.83 -17.85 -3.17
CA VAL B 142 -8.09 -17.12 -3.13
C VAL B 142 -8.72 -17.13 -4.51
N ARG B 143 -10.04 -17.24 -4.56
CA ARG B 143 -10.77 -17.28 -5.81
C ARG B 143 -12.01 -16.44 -5.69
N VAL B 144 -12.53 -16.02 -6.84
CA VAL B 144 -13.80 -15.29 -6.88
C VAL B 144 -14.93 -16.28 -6.74
N SER B 145 -15.94 -15.92 -5.96
CA SER B 145 -17.13 -16.75 -5.79
C SER B 145 -18.33 -16.21 -6.55
N ARG B 146 -18.49 -14.90 -6.58
CA ARG B 146 -19.61 -14.26 -7.25
C ARG B 146 -19.17 -12.89 -7.78
N GLU B 147 -19.92 -12.39 -8.75
CA GLU B 147 -19.74 -11.04 -9.27
C GLU B 147 -21.11 -10.38 -9.25
N LEU B 148 -21.46 -9.79 -8.11
CA LEU B 148 -22.76 -9.16 -7.92
C LEU B 148 -22.85 -7.93 -8.81
N ALA B 149 -23.63 -8.02 -9.88
CA ALA B 149 -23.71 -6.96 -10.89
C ALA B 149 -25.17 -6.62 -11.16
N GLY B 150 -25.73 -5.73 -10.35
CA GLY B 150 -27.05 -5.20 -10.62
C GLY B 150 -27.09 -3.69 -10.64
N HIS B 151 -26.15 -3.06 -9.96
CA HIS B 151 -26.15 -1.62 -9.75
C HIS B 151 -25.79 -0.89 -11.05
N THR B 152 -26.01 0.42 -11.04
CA THR B 152 -25.66 1.29 -12.15
C THR B 152 -24.53 2.25 -11.84
N GLY B 153 -24.60 2.96 -10.71
CA GLY B 153 -23.52 3.82 -10.28
C GLY B 153 -22.43 3.05 -9.57
N TYR B 154 -21.36 3.76 -9.24
CA TYR B 154 -20.22 3.14 -8.60
C TYR B 154 -20.57 2.66 -7.20
N LEU B 155 -19.95 1.57 -6.78
CA LEU B 155 -20.12 1.08 -5.41
C LEU B 155 -19.50 2.06 -4.42
N SER B 156 -20.07 2.10 -3.22
CA SER B 156 -19.60 3.04 -2.22
C SER B 156 -19.29 2.36 -0.90
N CYS B 157 -20.01 1.29 -0.58
CA CYS B 157 -19.80 0.61 0.69
C CYS B 157 -20.39 -0.79 0.60
N CYS B 158 -19.86 -1.70 1.41
CA CYS B 158 -20.36 -3.06 1.50
C CYS B 158 -20.25 -3.53 2.93
N ARG B 159 -21.22 -4.32 3.37
CA ARG B 159 -21.17 -4.95 4.68
C ARG B 159 -21.80 -6.33 4.60
N PHE B 160 -21.18 -7.30 5.26
CA PHE B 160 -21.69 -8.65 5.31
C PHE B 160 -22.74 -8.75 6.41
N LEU B 161 -23.96 -9.15 6.04
CA LEU B 161 -24.96 -9.46 7.06
C LEU B 161 -24.64 -10.78 7.74
N ASP B 162 -24.27 -11.78 6.95
CA ASP B 162 -23.86 -13.08 7.44
C ASP B 162 -23.02 -13.74 6.35
N ASP B 163 -22.83 -15.04 6.45
CA ASP B 163 -22.00 -15.74 5.48
C ASP B 163 -22.56 -15.66 4.06
N ASN B 164 -23.84 -15.36 3.89
CA ASN B 164 -24.44 -15.39 2.57
C ASN B 164 -25.40 -14.23 2.33
N GLN B 165 -25.17 -13.08 2.96
CA GLN B 165 -26.02 -11.91 2.76
C GLN B 165 -25.18 -10.67 2.91
N ILE B 166 -25.24 -9.79 1.92
CA ILE B 166 -24.39 -8.59 1.89
C ILE B 166 -25.24 -7.41 1.47
N VAL B 167 -25.00 -6.26 2.10
CA VAL B 167 -25.69 -5.01 1.80
C VAL B 167 -24.70 -4.07 1.14
N THR B 168 -25.19 -3.32 0.16
CA THR B 168 -24.34 -2.45 -0.63
C THR B 168 -25.02 -1.10 -0.87
N SER B 169 -24.20 -0.09 -1.14
CA SER B 169 -24.67 1.25 -1.49
C SER B 169 -23.91 1.72 -2.72
N SER B 170 -24.58 2.51 -3.56
CA SER B 170 -24.02 2.85 -4.86
C SER B 170 -24.38 4.28 -5.23
N GLY B 171 -24.00 4.67 -6.44
CA GLY B 171 -24.32 5.96 -7.00
C GLY B 171 -25.72 6.10 -7.55
N ASP B 172 -26.49 5.01 -7.55
CA ASP B 172 -27.86 5.02 -8.01
C ASP B 172 -28.82 5.66 -7.02
N THR B 173 -28.29 6.34 -6.00
CA THR B 173 -29.09 6.89 -4.91
C THR B 173 -29.88 5.80 -4.20
N THR B 174 -29.41 4.56 -4.29
CA THR B 174 -30.14 3.41 -3.77
C THR B 174 -29.19 2.46 -3.06
N CYS B 175 -29.75 1.60 -2.22
CA CYS B 175 -29.04 0.52 -1.58
C CYS B 175 -29.73 -0.79 -1.91
N ALA B 176 -28.99 -1.88 -1.86
CA ALA B 176 -29.49 -3.18 -2.25
C ALA B 176 -29.10 -4.24 -1.24
N LEU B 177 -29.87 -5.32 -1.21
CA LEU B 177 -29.59 -6.48 -0.38
C LEU B 177 -29.59 -7.70 -1.28
N TRP B 178 -28.56 -8.53 -1.15
CA TRP B 178 -28.31 -9.60 -2.10
C TRP B 178 -28.39 -10.96 -1.43
N ASP B 179 -28.43 -11.99 -2.27
CA ASP B 179 -28.34 -13.39 -1.86
C ASP B 179 -27.17 -14.00 -2.61
N ILE B 180 -26.06 -14.18 -1.91
CA ILE B 180 -24.78 -14.42 -2.59
C ILE B 180 -24.84 -15.70 -3.42
N GLU B 181 -25.38 -16.77 -2.83
CA GLU B 181 -25.48 -18.03 -3.56
C GLU B 181 -26.38 -17.90 -4.77
N THR B 182 -27.53 -17.24 -4.62
CA THR B 182 -28.42 -17.03 -5.75
C THR B 182 -27.88 -15.96 -6.68
N GLY B 183 -27.38 -14.86 -6.13
CA GLY B 183 -26.84 -13.79 -6.95
C GLY B 183 -27.85 -12.78 -7.42
N GLN B 184 -29.00 -12.70 -6.77
CA GLN B 184 -30.07 -11.80 -7.19
C GLN B 184 -30.41 -10.83 -6.08
N GLN B 185 -30.63 -9.58 -6.47
CA GLN B 185 -31.06 -8.54 -5.53
C GLN B 185 -32.42 -8.92 -4.97
N THR B 186 -32.47 -9.23 -3.68
CA THR B 186 -33.73 -9.62 -3.06
C THR B 186 -34.44 -8.47 -2.37
N THR B 187 -33.86 -7.26 -2.38
CA THR B 187 -34.49 -6.09 -1.77
C THR B 187 -33.82 -4.86 -2.35
N THR B 188 -34.52 -3.73 -2.31
CA THR B 188 -33.99 -2.47 -2.78
C THR B 188 -34.54 -1.34 -1.93
N PHE B 189 -33.79 -0.25 -1.84
CA PHE B 189 -34.15 0.91 -1.05
C PHE B 189 -33.92 2.15 -1.90
N THR B 190 -34.99 2.92 -2.15
CA THR B 190 -35.02 3.89 -3.25
C THR B 190 -35.55 5.24 -2.78
N GLY B 191 -35.00 5.80 -1.72
CA GLY B 191 -35.54 7.05 -1.22
C GLY B 191 -34.61 8.24 -1.11
N HIS B 192 -33.32 8.07 -1.39
CA HIS B 192 -32.37 9.12 -1.01
C HIS B 192 -32.39 10.32 -1.95
N THR B 193 -32.72 10.14 -3.23
CA THR B 193 -32.73 11.23 -4.20
C THR B 193 -31.40 11.96 -4.24
N GLY B 194 -30.31 11.19 -4.19
CA GLY B 194 -28.97 11.74 -4.17
C GLY B 194 -27.95 10.65 -3.90
N ASP B 195 -26.75 10.82 -4.44
CA ASP B 195 -25.74 9.77 -4.35
C ASP B 195 -25.43 9.44 -2.89
N VAL B 196 -25.52 8.16 -2.53
CA VAL B 196 -25.26 7.72 -1.17
C VAL B 196 -23.80 7.33 -1.04
N MET B 197 -23.23 7.54 0.14
CA MET B 197 -21.80 7.43 0.31
C MET B 197 -21.35 6.35 1.27
N SER B 198 -22.13 6.02 2.30
CA SER B 198 -21.68 5.04 3.28
C SER B 198 -22.88 4.44 3.99
N LEU B 199 -22.63 3.37 4.74
CA LEU B 199 -23.64 2.73 5.55
C LEU B 199 -22.96 1.93 6.66
N SER B 200 -23.74 1.61 7.70
CA SER B 200 -23.23 0.77 8.77
C SER B 200 -24.38 -0.06 9.32
N LEU B 201 -24.03 -1.20 9.91
CA LEU B 201 -25.00 -2.15 10.41
C LEU B 201 -25.11 -2.06 11.92
N ALA B 202 -26.34 -2.08 12.42
CA ALA B 202 -26.56 -2.09 13.85
C ALA B 202 -26.13 -3.43 14.45
N PRO B 203 -25.67 -3.43 15.69
CA PRO B 203 -25.32 -4.71 16.33
C PRO B 203 -26.49 -5.66 16.44
N ASP B 204 -27.73 -5.14 16.44
CA ASP B 204 -28.90 -6.01 16.32
C ASP B 204 -28.88 -6.79 15.01
N THR B 205 -28.28 -6.23 13.97
CA THR B 205 -28.14 -6.89 12.66
C THR B 205 -29.50 -7.03 11.98
N ARG B 206 -30.37 -6.04 12.20
CA ARG B 206 -31.64 -5.98 11.50
C ARG B 206 -31.97 -4.59 10.96
N LEU B 207 -31.27 -3.55 11.38
CA LEU B 207 -31.47 -2.20 10.86
C LEU B 207 -30.13 -1.64 10.42
N PHE B 208 -30.18 -0.73 9.44
CA PHE B 208 -28.97 -0.06 8.99
C PHE B 208 -29.34 1.33 8.49
N VAL B 209 -28.33 2.20 8.44
CA VAL B 209 -28.52 3.58 8.03
C VAL B 209 -27.53 3.90 6.91
N SER B 210 -27.87 4.91 6.13
CA SER B 210 -27.06 5.29 4.98
C SER B 210 -27.08 6.79 4.80
N GLY B 211 -25.91 7.36 4.49
CA GLY B 211 -25.79 8.77 4.23
C GLY B 211 -25.60 9.03 2.75
N ALA B 212 -26.09 10.18 2.30
CA ALA B 212 -26.11 10.48 0.87
C ALA B 212 -25.67 11.91 0.63
N CYS B 213 -25.41 12.21 -0.64
CA CYS B 213 -25.07 13.57 -1.04
C CYS B 213 -26.26 14.52 -1.01
N ASP B 214 -27.43 14.04 -0.58
CA ASP B 214 -28.61 14.87 -0.39
C ASP B 214 -28.63 15.54 0.97
N ALA B 215 -27.60 15.31 1.79
CA ALA B 215 -27.47 15.94 3.11
C ALA B 215 -28.56 15.46 4.08
N SER B 216 -28.92 14.17 3.97
CA SER B 216 -29.88 13.59 4.89
C SER B 216 -29.53 12.12 5.11
N ALA B 217 -29.97 11.58 6.23
CA ALA B 217 -29.70 10.20 6.59
C ALA B 217 -31.02 9.49 6.88
N LYS B 218 -31.13 8.25 6.41
CA LYS B 218 -32.35 7.48 6.52
C LYS B 218 -32.06 6.08 7.04
N LEU B 219 -32.81 5.68 8.06
CA LEU B 219 -32.72 4.35 8.63
C LEU B 219 -33.69 3.42 7.92
N TRP B 220 -33.25 2.18 7.71
CA TRP B 220 -34.01 1.20 6.95
C TRP B 220 -34.33 -0.01 7.81
N ASP B 221 -35.36 -0.75 7.39
CA ASP B 221 -35.68 -2.03 7.98
C ASP B 221 -35.35 -3.13 6.98
N VAL B 222 -34.51 -4.07 7.39
CA VAL B 222 -33.97 -5.06 6.45
C VAL B 222 -35.10 -5.90 5.86
N ARG B 223 -35.99 -6.38 6.72
CA ARG B 223 -37.09 -7.20 6.22
C ARG B 223 -38.15 -6.37 5.51
N GLU B 224 -38.49 -5.21 6.06
CA GLU B 224 -39.56 -4.41 5.50
C GLU B 224 -39.15 -3.78 4.16
N GLY B 225 -37.88 -3.42 4.02
CA GLY B 225 -37.42 -2.80 2.80
C GLY B 225 -37.88 -1.37 2.60
N MET B 226 -38.38 -0.72 3.65
CA MET B 226 -38.92 0.62 3.55
C MET B 226 -38.26 1.53 4.58
N CYS B 227 -38.04 2.78 4.19
CA CYS B 227 -37.44 3.74 5.10
C CYS B 227 -38.39 4.05 6.25
N ARG B 228 -37.82 4.19 7.44
CA ARG B 228 -38.61 4.42 8.65
C ARG B 228 -38.43 5.83 9.20
N GLN B 229 -37.19 6.25 9.43
CA GLN B 229 -36.89 7.57 9.96
C GLN B 229 -35.91 8.28 9.05
N THR B 230 -36.17 9.56 8.79
CA THR B 230 -35.29 10.39 7.98
C THR B 230 -34.75 11.51 8.85
N PHE B 231 -33.42 11.61 8.92
CA PHE B 231 -32.75 12.64 9.70
C PHE B 231 -32.11 13.65 8.77
N THR B 232 -32.18 14.92 9.14
CA THR B 232 -31.66 16.00 8.32
C THR B 232 -31.14 17.10 9.22
N GLY B 233 -30.96 18.28 8.66
CA GLY B 233 -30.39 19.39 9.40
C GLY B 233 -28.89 19.49 9.31
N HIS B 234 -28.29 18.96 8.24
CA HIS B 234 -26.84 18.86 8.12
C HIS B 234 -26.47 19.48 6.78
N GLU B 235 -25.58 20.47 6.82
CA GLU B 235 -25.52 21.48 5.76
C GLU B 235 -24.96 20.99 4.43
N SER B 236 -24.28 19.85 4.39
CA SER B 236 -23.62 19.46 3.15
C SER B 236 -23.61 17.93 3.07
N ASP B 237 -22.76 17.41 2.19
CA ASP B 237 -22.70 15.97 1.93
C ASP B 237 -22.41 15.21 3.22
N ILE B 238 -22.65 13.90 3.18
CA ILE B 238 -22.35 13.00 4.28
C ILE B 238 -21.40 11.93 3.77
N ASN B 239 -20.30 11.72 4.48
CA ASN B 239 -19.25 10.84 3.99
C ASN B 239 -18.96 9.63 4.87
N ALA B 240 -19.58 9.53 6.04
CA ALA B 240 -19.29 8.41 6.93
C ALA B 240 -20.34 8.34 8.02
N ILE B 241 -20.74 7.12 8.37
CA ILE B 241 -21.65 6.88 9.48
C ILE B 241 -21.12 5.68 10.27
N CYS B 242 -21.42 5.66 11.56
CA CYS B 242 -21.18 4.47 12.38
C CYS B 242 -22.19 4.47 13.52
N PHE B 243 -22.58 3.27 13.93
CA PHE B 243 -23.56 3.14 15.00
C PHE B 243 -22.90 3.32 16.37
N PHE B 244 -23.72 3.68 17.35
CA PHE B 244 -23.32 3.59 18.73
C PHE B 244 -23.17 2.12 19.11
N PRO B 245 -22.31 1.80 20.08
CA PRO B 245 -22.11 0.39 20.43
C PRO B 245 -23.38 -0.35 20.79
N ASN B 246 -24.34 0.29 21.46
CA ASN B 246 -25.56 -0.39 21.86
C ASN B 246 -26.59 -0.44 20.74
N GLY B 247 -26.28 0.08 19.56
CA GLY B 247 -27.26 0.13 18.48
C GLY B 247 -28.43 1.04 18.77
N ASN B 248 -28.18 2.22 19.31
CA ASN B 248 -29.24 3.16 19.64
C ASN B 248 -28.97 4.57 19.14
N ALA B 249 -27.88 4.80 18.42
CA ALA B 249 -27.55 6.11 17.91
C ALA B 249 -26.56 5.94 16.76
N PHE B 250 -26.17 7.06 16.16
CA PHE B 250 -25.19 7.03 15.09
C PHE B 250 -24.67 8.44 14.85
N ALA B 251 -23.48 8.53 14.28
CA ALA B 251 -22.83 9.80 14.02
C ALA B 251 -22.44 9.90 12.54
N THR B 252 -22.34 11.13 12.06
CA THR B 252 -22.14 11.37 10.64
C THR B 252 -20.96 12.31 10.41
N GLY B 253 -20.22 12.04 9.34
CA GLY B 253 -19.18 12.93 8.88
C GLY B 253 -19.66 13.73 7.67
N SER B 254 -18.80 14.65 7.22
CA SER B 254 -19.17 15.53 6.13
C SER B 254 -17.94 16.28 5.64
N ASP B 255 -18.08 16.88 4.46
CA ASP B 255 -17.19 17.94 4.03
C ASP B 255 -17.59 19.29 4.60
N ASP B 256 -18.67 19.33 5.39
CA ASP B 256 -19.10 20.49 6.14
C ASP B 256 -18.19 20.81 7.31
N ALA B 257 -17.18 19.98 7.58
CA ALA B 257 -16.26 20.16 8.71
C ALA B 257 -16.97 20.02 10.04
N THR B 258 -18.13 19.40 10.05
CA THR B 258 -18.92 19.23 11.27
C THR B 258 -19.31 17.77 11.42
N CYS B 259 -19.27 17.28 12.66
CA CYS B 259 -19.76 15.96 13.01
C CYS B 259 -20.96 16.11 13.92
N ARG B 260 -21.93 15.20 13.78
CA ARG B 260 -23.16 15.25 14.56
C ARG B 260 -23.65 13.84 14.79
N LEU B 261 -24.44 13.66 15.84
CA LEU B 261 -25.06 12.38 16.11
C LEU B 261 -26.55 12.56 16.38
N PHE B 262 -27.29 11.48 16.17
CA PHE B 262 -28.74 11.50 16.26
C PHE B 262 -29.20 10.36 17.16
N ASP B 263 -30.42 10.48 17.65
CA ASP B 263 -31.06 9.42 18.41
C ASP B 263 -32.25 8.88 17.63
N LEU B 264 -32.33 7.56 17.52
CA LEU B 264 -33.40 6.95 16.74
C LEU B 264 -34.76 7.21 17.36
N ARG B 265 -34.86 7.10 18.69
CA ARG B 265 -36.13 7.27 19.37
C ARG B 265 -36.48 8.74 19.61
N ALA B 266 -35.53 9.66 19.42
CA ALA B 266 -35.81 11.08 19.58
C ALA B 266 -35.91 11.84 18.28
N ASP B 267 -35.31 11.33 17.20
CA ASP B 267 -35.42 11.92 15.87
C ASP B 267 -34.96 13.38 15.85
N GLN B 268 -33.85 13.65 16.53
CA GLN B 268 -33.26 14.98 16.55
C GLN B 268 -31.74 14.86 16.66
N GLU B 269 -31.06 15.94 16.31
CA GLU B 269 -29.65 16.06 16.65
C GLU B 269 -29.49 16.22 18.15
N LEU B 270 -28.42 15.66 18.69
CA LEU B 270 -28.12 15.75 20.11
C LEU B 270 -26.94 16.67 20.40
N MET B 271 -25.80 16.43 19.76
CA MET B 271 -24.63 17.23 20.00
C MET B 271 -23.86 17.39 18.70
N THR B 272 -23.19 18.52 18.55
CA THR B 272 -22.40 18.83 17.36
C THR B 272 -20.95 18.98 17.76
N TYR B 273 -20.06 18.53 16.89
CA TYR B 273 -18.61 18.53 17.15
C TYR B 273 -17.96 19.36 16.05
N SER B 274 -17.70 20.63 16.35
CA SER B 274 -17.08 21.52 15.39
C SER B 274 -16.19 22.50 16.13
N HIS B 275 -15.14 22.95 15.45
CA HIS B 275 -14.22 23.93 16.00
C HIS B 275 -13.89 24.95 14.92
N ASP B 276 -13.44 26.12 15.36
CA ASP B 276 -13.21 27.22 14.42
C ASP B 276 -11.98 26.97 13.55
N ASN B 277 -10.95 26.35 14.11
CA ASN B 277 -9.70 26.19 13.38
C ASN B 277 -9.83 25.16 12.25
N ILE B 278 -10.70 24.18 12.41
CA ILE B 278 -10.80 23.10 11.44
C ILE B 278 -11.73 23.52 10.31
N ILE B 279 -11.17 23.63 9.10
CA ILE B 279 -11.94 23.91 7.89
C ILE B 279 -11.48 22.91 6.84
N CYS B 280 -12.17 21.77 6.78
CA CYS B 280 -11.85 20.70 5.84
C CYS B 280 -12.89 19.61 6.05
N GLY B 281 -12.93 18.65 5.14
CA GLY B 281 -13.92 17.60 5.21
C GLY B 281 -13.58 16.53 6.23
N ILE B 282 -14.53 15.62 6.41
CA ILE B 282 -14.39 14.47 7.30
C ILE B 282 -14.57 13.21 6.45
N THR B 283 -13.62 12.27 6.58
CA THR B 283 -13.60 11.12 5.70
C THR B 283 -14.01 9.82 6.37
N SER B 284 -14.06 9.76 7.69
CA SER B 284 -14.46 8.54 8.38
C SER B 284 -14.72 8.86 9.85
N VAL B 285 -15.56 8.03 10.47
CA VAL B 285 -15.83 8.13 11.91
C VAL B 285 -15.84 6.73 12.49
N SER B 286 -15.64 6.67 13.81
CA SER B 286 -15.72 5.41 14.54
C SER B 286 -15.86 5.71 16.02
N PHE B 287 -16.45 4.77 16.74
CA PHE B 287 -16.62 4.87 18.18
C PHE B 287 -15.67 3.95 18.93
N SER B 288 -15.50 4.22 20.21
CA SER B 288 -14.77 3.36 21.11
C SER B 288 -15.67 2.22 21.57
N LYS B 289 -15.07 1.22 22.21
CA LYS B 289 -15.85 0.06 22.65
C LYS B 289 -16.92 0.47 23.65
N SER B 290 -16.61 1.39 24.55
CA SER B 290 -17.59 1.89 25.50
C SER B 290 -18.43 3.02 24.92
N GLY B 291 -18.05 3.58 23.78
CA GLY B 291 -18.74 4.73 23.24
C GLY B 291 -18.32 6.06 23.81
N ARG B 292 -17.33 6.09 24.71
CA ARG B 292 -16.91 7.35 25.29
C ARG B 292 -16.11 8.20 24.32
N LEU B 293 -15.33 7.57 23.44
CA LEU B 293 -14.44 8.29 22.55
C LEU B 293 -14.94 8.15 21.13
N LEU B 294 -15.11 9.27 20.45
CA LEU B 294 -15.44 9.31 19.03
C LEU B 294 -14.20 9.76 18.26
N LEU B 295 -13.86 9.00 17.23
CA LEU B 295 -12.72 9.30 16.38
C LEU B 295 -13.20 9.67 15.00
N ALA B 296 -12.45 10.54 14.33
CA ALA B 296 -12.85 11.02 13.01
C ALA B 296 -11.62 11.48 12.24
N GLY B 297 -11.58 11.13 10.96
CA GLY B 297 -10.49 11.57 10.10
C GLY B 297 -10.84 12.83 9.34
N TYR B 298 -9.82 13.58 8.96
CA TYR B 298 -10.00 14.89 8.37
C TYR B 298 -9.13 15.04 7.13
N ASP B 299 -9.46 16.04 6.33
CA ASP B 299 -8.69 16.38 5.14
C ASP B 299 -7.38 17.09 5.46
N ASP B 300 -7.23 17.58 6.69
CA ASP B 300 -6.05 18.34 7.08
C ASP B 300 -4.96 17.45 7.67
N PHE B 301 -4.89 16.20 7.22
CA PHE B 301 -3.75 15.30 7.36
C PHE B 301 -3.68 14.63 8.73
N ASN B 302 -4.61 14.91 9.64
CA ASN B 302 -4.58 14.25 10.94
C ASN B 302 -6.01 14.03 11.40
N CYS B 303 -6.20 13.00 12.22
CA CYS B 303 -7.50 12.65 12.75
C CYS B 303 -7.60 13.07 14.21
N ASN B 304 -8.69 13.74 14.54
CA ASN B 304 -8.94 14.22 15.89
C ASN B 304 -9.79 13.22 16.66
N VAL B 305 -9.69 13.30 17.98
CA VAL B 305 -10.42 12.41 18.88
C VAL B 305 -11.35 13.28 19.72
N TRP B 306 -12.63 12.96 19.72
CA TRP B 306 -13.65 13.77 20.37
C TRP B 306 -14.31 12.99 21.49
N ASP B 307 -14.41 13.60 22.65
CA ASP B 307 -15.22 13.04 23.72
C ASP B 307 -16.67 12.98 23.27
N ALA B 308 -17.35 11.90 23.68
CA ALA B 308 -18.66 11.60 23.12
C ALA B 308 -19.66 12.70 23.41
N LEU B 309 -19.66 13.21 24.63
CA LEU B 309 -20.73 14.10 25.08
C LEU B 309 -20.27 15.44 25.62
N LYS B 310 -19.03 15.55 26.10
CA LYS B 310 -18.53 16.86 26.50
C LYS B 310 -18.14 17.71 25.29
N ALA B 311 -17.98 17.10 24.13
CA ALA B 311 -17.78 17.82 22.86
C ALA B 311 -16.53 18.69 22.88
N ASP B 312 -15.39 18.05 23.11
CA ASP B 312 -14.09 18.71 23.05
C ASP B 312 -13.11 17.82 22.29
N ARG B 313 -12.15 18.46 21.62
CA ARG B 313 -11.11 17.71 20.92
C ARG B 313 -10.11 17.23 21.97
N ALA B 314 -10.42 16.07 22.56
CA ALA B 314 -9.60 15.56 23.65
C ALA B 314 -8.19 15.24 23.21
N GLY B 315 -8.03 14.64 22.03
CA GLY B 315 -6.72 14.24 21.54
C GLY B 315 -6.56 14.51 20.06
N VAL B 316 -5.41 14.10 19.54
CA VAL B 316 -5.10 14.24 18.12
C VAL B 316 -4.02 13.22 17.80
N LEU B 317 -3.86 12.90 16.52
CA LEU B 317 -2.90 11.90 16.07
C LEU B 317 -1.97 12.51 15.04
N ALA B 318 -0.67 12.29 15.22
CA ALA B 318 0.31 12.75 14.25
C ALA B 318 0.25 11.90 12.99
N GLY B 319 0.85 12.41 11.92
CA GLY B 319 0.68 11.78 10.62
C GLY B 319 -0.78 11.84 10.19
N HIS B 320 -1.04 11.42 8.96
CA HIS B 320 -0.04 10.96 8.01
C HIS B 320 0.47 12.16 7.22
N ASP B 321 1.16 11.89 6.12
CA ASP B 321 1.43 12.95 5.16
C ASP B 321 0.13 13.46 4.54
N ASN B 322 -0.67 12.55 3.98
CA ASN B 322 -2.02 12.81 3.51
C ASN B 322 -2.60 11.48 3.04
N ARG B 323 -3.91 11.29 3.19
CA ARG B 323 -4.82 12.13 3.95
C ARG B 323 -5.69 11.10 4.66
N VAL B 324 -6.07 11.33 5.91
CA VAL B 324 -6.72 10.26 6.66
C VAL B 324 -8.04 9.95 5.99
N SER B 325 -8.12 8.79 5.32
CA SER B 325 -9.29 8.44 4.53
C SER B 325 -10.12 7.31 5.12
N CYS B 326 -9.57 6.51 6.02
CA CYS B 326 -10.32 5.39 6.59
C CYS B 326 -9.69 4.98 7.91
N LEU B 327 -10.55 4.66 8.88
CA LEU B 327 -10.09 4.22 10.19
C LEU B 327 -11.13 3.31 10.80
N GLY B 328 -10.68 2.47 11.73
CA GLY B 328 -11.57 1.51 12.37
C GLY B 328 -11.03 1.05 13.70
N VAL B 329 -11.92 0.50 14.51
CA VAL B 329 -11.62 0.09 15.87
C VAL B 329 -11.94 -1.40 16.01
N THR B 330 -11.03 -2.14 16.63
CA THR B 330 -11.22 -3.58 16.80
C THR B 330 -12.43 -3.87 17.69
N ASP B 331 -12.88 -5.13 17.63
CA ASP B 331 -14.04 -5.52 18.43
C ASP B 331 -13.75 -5.43 19.92
N ASP B 332 -12.61 -5.94 20.36
CA ASP B 332 -12.22 -5.82 21.75
C ASP B 332 -11.79 -4.43 22.13
N GLY B 333 -11.68 -3.52 21.15
CA GLY B 333 -11.25 -2.17 21.45
C GLY B 333 -9.80 -2.03 21.79
N MET B 334 -8.98 -3.05 21.52
CA MET B 334 -7.59 -3.02 21.96
C MET B 334 -6.80 -1.94 21.24
N ALA B 335 -7.07 -1.72 19.96
CA ALA B 335 -6.26 -0.80 19.17
C ALA B 335 -7.14 -0.03 18.21
N VAL B 336 -6.50 0.77 17.36
CA VAL B 336 -7.16 1.52 16.31
C VAL B 336 -6.19 1.64 15.14
N ALA B 337 -6.73 1.64 13.93
CA ALA B 337 -5.91 1.68 12.73
C ALA B 337 -6.42 2.77 11.80
N THR B 338 -5.49 3.39 11.07
CA THR B 338 -5.81 4.44 10.12
C THR B 338 -5.08 4.20 8.81
N GLY B 339 -5.67 4.71 7.74
CA GLY B 339 -5.02 4.69 6.45
C GLY B 339 -5.09 6.06 5.81
N SER B 340 -4.31 6.23 4.74
CA SER B 340 -4.22 7.55 4.13
C SER B 340 -3.69 7.41 2.72
N TRP B 341 -3.68 8.53 2.00
CA TRP B 341 -3.31 8.51 0.59
C TRP B 341 -1.82 8.35 0.37
N ASP B 342 -1.02 8.30 1.44
CA ASP B 342 0.42 8.13 1.31
C ASP B 342 0.84 6.67 1.35
N SER B 343 -0.12 5.75 1.30
CA SER B 343 0.15 4.31 1.20
C SER B 343 0.78 3.76 2.48
N PHE B 344 0.28 4.20 3.63
CA PHE B 344 0.78 3.69 4.90
C PHE B 344 -0.39 3.43 5.83
N LEU B 345 -0.24 2.42 6.69
CA LEU B 345 -1.20 2.11 7.72
C LEU B 345 -0.52 2.16 9.07
N LYS B 346 -1.17 2.77 10.04
CA LYS B 346 -0.60 2.95 11.37
C LYS B 346 -1.55 2.38 12.42
N ILE B 347 -1.00 1.59 13.33
CA ILE B 347 -1.76 1.04 14.45
C ILE B 347 -1.45 1.88 15.67
N TRP B 348 -2.48 2.50 16.24
CA TRP B 348 -2.33 3.36 17.41
C TRP B 348 -2.91 2.65 18.61
N ASN B 349 -2.21 2.74 19.74
CA ASN B 349 -2.71 2.17 20.98
C ASN B 349 -2.42 3.13 22.13
N ILE C 9 -46.89 13.97 -9.42
CA ILE C 9 -48.04 13.07 -9.53
C ILE C 9 -47.80 11.84 -8.67
N ALA C 10 -47.36 10.76 -9.32
CA ALA C 10 -47.07 9.53 -8.59
C ALA C 10 -45.93 9.74 -7.60
N GLN C 11 -44.92 10.51 -7.98
CA GLN C 11 -43.81 10.79 -7.08
C GLN C 11 -44.27 11.57 -5.86
N ALA C 12 -45.13 12.57 -6.06
CA ALA C 12 -45.67 13.33 -4.93
C ALA C 12 -46.53 12.45 -4.03
N ARG C 13 -47.35 11.58 -4.62
CA ARG C 13 -48.16 10.68 -3.83
C ARG C 13 -47.29 9.72 -3.03
N LYS C 14 -46.21 9.23 -3.64
CA LYS C 14 -45.27 8.38 -2.91
C LYS C 14 -44.65 9.12 -1.75
N LEU C 15 -44.25 10.38 -1.97
CA LEU C 15 -43.61 11.14 -0.90
C LEU C 15 -44.57 11.39 0.25
N VAL C 16 -45.82 11.75 -0.05
CA VAL C 16 -46.77 12.00 1.03
C VAL C 16 -47.12 10.70 1.74
N GLU C 17 -47.22 9.60 1.00
CA GLU C 17 -47.47 8.31 1.64
C GLU C 17 -46.33 7.95 2.59
N GLN C 18 -45.10 8.23 2.19
CA GLN C 18 -43.97 8.00 3.09
C GLN C 18 -44.06 8.87 4.34
N LEU C 19 -44.39 10.16 4.16
CA LEU C 19 -44.51 11.05 5.32
C LEU C 19 -45.69 10.71 6.21
N LYS C 20 -46.66 9.93 5.72
CA LYS C 20 -47.68 9.39 6.62
C LYS C 20 -47.08 8.55 7.74
N MET C 21 -45.90 7.95 7.51
CA MET C 21 -45.38 6.98 8.47
C MET C 21 -44.67 7.61 9.66
N GLU C 22 -44.39 8.91 9.62
CA GLU C 22 -43.68 9.53 10.73
C GLU C 22 -44.58 9.90 11.90
N ALA C 23 -45.89 9.77 11.76
CA ALA C 23 -46.80 10.12 12.84
C ALA C 23 -46.82 9.11 13.98
N ASN C 24 -46.44 7.86 13.72
CA ASN C 24 -46.58 6.82 14.73
C ASN C 24 -45.51 6.88 15.80
N ILE C 25 -44.37 7.52 15.53
CA ILE C 25 -43.26 7.49 16.48
C ILE C 25 -43.64 8.30 17.72
N ASP C 26 -43.08 7.91 18.87
CA ASP C 26 -43.75 8.17 20.14
C ASP C 26 -43.80 9.68 20.48
N ARG C 27 -42.67 10.36 20.68
CA ARG C 27 -41.28 9.90 20.80
C ARG C 27 -40.94 9.87 22.28
N ILE C 28 -39.68 9.66 22.62
CA ILE C 28 -39.26 9.70 24.02
C ILE C 28 -38.66 11.05 24.34
N LYS C 29 -38.40 11.31 25.62
CA LYS C 29 -37.83 12.59 26.04
C LYS C 29 -36.32 12.61 25.81
N VAL C 30 -35.83 13.72 25.27
CA VAL C 30 -34.41 13.86 24.96
C VAL C 30 -33.58 13.76 26.23
N SER C 31 -34.08 14.30 27.35
CA SER C 31 -33.33 14.26 28.59
C SER C 31 -33.09 12.82 29.03
N LYS C 32 -34.14 12.01 29.02
CA LYS C 32 -33.98 10.62 29.45
C LYS C 32 -33.21 9.80 28.42
N ALA C 33 -33.28 10.17 27.15
CA ALA C 33 -32.45 9.49 26.15
C ALA C 33 -30.97 9.74 26.40
N ALA C 34 -30.60 11.00 26.66
CA ALA C 34 -29.22 11.31 27.01
C ALA C 34 -28.82 10.64 28.32
N ALA C 35 -29.76 10.56 29.26
CA ALA C 35 -29.48 9.85 30.51
C ALA C 35 -29.17 8.38 30.24
N ASP C 36 -29.92 7.76 29.34
CA ASP C 36 -29.65 6.38 28.97
C ASP C 36 -28.27 6.23 28.36
N LEU C 37 -27.91 7.14 27.45
CA LEU C 37 -26.59 7.06 26.81
C LEU C 37 -25.48 7.19 27.84
N MET C 38 -25.57 8.19 28.72
CA MET C 38 -24.52 8.38 29.70
C MET C 38 -24.48 7.24 30.70
N ALA C 39 -25.63 6.67 31.05
CA ALA C 39 -25.65 5.52 31.95
C ALA C 39 -24.96 4.32 31.34
N TYR C 40 -25.24 4.04 30.06
CA TYR C 40 -24.56 2.93 29.40
C TYR C 40 -23.06 3.17 29.31
N CYS C 41 -22.67 4.40 28.98
CA CYS C 41 -21.26 4.72 28.86
C CYS C 41 -20.55 4.57 30.20
N GLU C 42 -21.18 5.02 31.28
CA GLU C 42 -20.60 4.85 32.61
C GLU C 42 -20.50 3.38 32.98
N ALA C 43 -21.52 2.60 32.61
CA ALA C 43 -21.51 1.18 32.93
C ALA C 43 -20.37 0.46 32.22
N HIS C 44 -20.12 0.80 30.96
CA HIS C 44 -19.12 0.08 30.18
C HIS C 44 -17.78 0.79 30.09
N ALA C 45 -17.59 1.90 30.81
CA ALA C 45 -16.32 2.60 30.79
C ALA C 45 -15.17 1.78 31.37
N LYS C 46 -15.45 0.70 32.09
CA LYS C 46 -14.37 -0.03 32.75
C LYS C 46 -13.49 -0.78 31.76
N GLU C 47 -14.08 -1.34 30.71
CA GLU C 47 -13.40 -2.37 29.93
C GLU C 47 -12.60 -1.83 28.76
N ASP C 48 -12.99 -0.70 28.17
CA ASP C 48 -12.30 -0.24 26.97
C ASP C 48 -10.88 0.24 27.31
N PRO C 49 -9.88 -0.28 26.64
CA PRO C 49 -8.50 0.04 27.00
C PRO C 49 -8.04 1.41 26.49
N LEU C 50 -8.63 1.88 25.40
CA LEU C 50 -8.22 3.18 24.88
C LEU C 50 -8.60 4.30 25.84
N LEU C 51 -9.69 4.14 26.58
CA LEU C 51 -10.06 5.11 27.59
C LEU C 51 -9.16 5.02 28.81
N THR C 52 -9.05 3.83 29.39
CA THR C 52 -8.19 3.60 30.54
C THR C 52 -6.95 2.84 30.08
N PRO C 53 -5.78 3.48 30.02
CA PRO C 53 -4.59 2.80 29.51
C PRO C 53 -4.28 1.53 30.29
N VAL C 54 -3.83 0.51 29.56
CA VAL C 54 -3.55 -0.80 30.12
C VAL C 54 -2.06 -0.92 30.42
N PRO C 55 -1.63 -1.86 31.27
CA PRO C 55 -0.20 -2.01 31.56
C PRO C 55 0.57 -2.41 30.31
N ALA C 56 1.88 -2.20 30.38
CA ALA C 56 2.76 -2.65 29.30
C ALA C 56 2.67 -4.15 29.11
N SER C 57 2.34 -4.88 30.17
CA SER C 57 2.05 -6.30 30.04
C SER C 57 0.71 -6.51 29.36
N GLU C 58 0.49 -7.73 28.88
CA GLU C 58 -0.76 -8.19 28.26
C GLU C 58 -1.20 -7.28 27.11
N ASN C 59 -0.33 -6.40 26.64
CA ASN C 59 -0.65 -5.55 25.50
C ASN C 59 -0.10 -6.23 24.26
N PRO C 60 -0.96 -6.69 23.34
CA PRO C 60 -0.45 -7.36 22.14
C PRO C 60 0.46 -6.50 21.32
N PHE C 61 0.23 -5.20 21.30
CA PHE C 61 1.11 -4.25 20.63
C PHE C 61 2.01 -3.66 21.71
N ARG C 62 3.09 -4.37 22.01
CA ARG C 62 4.11 -3.94 22.95
C ARG C 62 4.58 -2.52 22.63
N TYR D 43 54.15 24.79 13.03
CA TYR D 43 53.71 24.78 14.42
C TYR D 43 53.14 26.13 14.80
N SER D 44 52.03 26.14 15.53
CA SER D 44 51.31 27.37 15.85
C SER D 44 51.29 27.66 17.34
N LEU D 45 50.76 26.75 18.16
CA LEU D 45 50.73 26.84 19.62
C LEU D 45 49.73 27.91 20.08
N GLN D 46 49.19 28.68 19.15
CA GLN D 46 48.28 29.77 19.48
C GLN D 46 46.96 29.69 18.74
N VAL D 47 46.96 29.26 17.49
CA VAL D 47 45.74 29.12 16.70
C VAL D 47 45.36 27.69 16.47
N THR D 48 46.16 26.73 16.95
CA THR D 48 45.81 25.32 16.79
C THR D 48 44.41 25.03 17.31
N LEU D 49 44.00 25.72 18.38
CA LEU D 49 42.61 25.66 18.82
C LEU D 49 41.67 26.12 17.72
N THR D 50 42.01 27.19 17.00
CA THR D 50 41.15 27.68 15.94
C THR D 50 41.04 26.65 14.82
N LEU D 51 42.17 26.06 14.41
CA LEU D 51 42.12 25.06 13.35
C LEU D 51 41.30 23.84 13.76
N VAL D 52 41.47 23.35 14.99
CA VAL D 52 40.73 22.16 15.39
C VAL D 52 39.24 22.47 15.50
N CYS D 53 38.89 23.68 15.96
CA CYS D 53 37.49 24.06 16.00
C CYS D 53 36.90 24.15 14.59
N LEU D 54 37.65 24.74 13.65
CA LEU D 54 37.18 24.78 12.27
C LEU D 54 36.95 23.38 11.73
N ALA D 55 37.91 22.48 11.97
CA ALA D 55 37.77 21.11 11.47
C ALA D 55 36.55 20.43 12.07
N GLY D 56 36.33 20.60 13.38
CA GLY D 56 35.17 20.00 14.00
C GLY D 56 33.86 20.55 13.46
N LEU D 57 33.80 21.86 13.22
CA LEU D 57 32.61 22.45 12.63
C LEU D 57 32.34 21.88 11.26
N LEU D 58 33.39 21.74 10.44
CA LEU D 58 33.26 21.10 9.14
C LEU D 58 32.74 19.67 9.29
N MET D 59 33.28 18.94 10.27
CA MET D 59 32.85 17.57 10.52
C MET D 59 31.36 17.51 10.74
N LEU D 60 30.87 18.28 11.71
CA LEU D 60 29.45 18.24 12.06
C LEU D 60 28.59 18.68 10.89
N LEU D 61 28.99 19.75 10.19
CA LEU D 61 28.19 20.21 9.06
C LEU D 61 28.05 19.13 8.00
N THR D 62 29.18 18.52 7.60
CA THR D 62 29.14 17.49 6.56
C THR D 62 28.28 16.31 6.99
N VAL D 63 28.54 15.77 8.18
CA VAL D 63 27.83 14.57 8.59
C VAL D 63 26.35 14.85 8.74
N PHE D 64 25.99 16.00 9.31
CA PHE D 64 24.59 16.36 9.49
C PHE D 64 23.89 16.46 8.14
N GLY D 65 24.50 17.17 7.19
CA GLY D 65 23.86 17.31 5.89
C GLY D 65 23.65 15.98 5.20
N ASN D 66 24.67 15.12 5.19
CA ASN D 66 24.57 13.87 4.45
C ASN D 66 23.59 12.89 5.12
N VAL D 67 23.63 12.82 6.45
CA VAL D 67 22.67 11.92 7.11
C VAL D 67 21.26 12.44 6.91
N LEU D 68 21.07 13.76 6.88
CA LEU D 68 19.75 14.31 6.58
C LEU D 68 19.31 13.88 5.19
N VAL D 69 20.23 13.89 4.22
CA VAL D 69 19.88 13.44 2.87
C VAL D 69 19.44 11.98 2.90
N ILE D 70 20.18 11.12 3.59
CA ILE D 70 19.84 9.70 3.61
C ILE D 70 18.48 9.48 4.26
N ILE D 71 18.25 10.15 5.39
CA ILE D 71 16.96 10.00 6.08
C ILE D 71 15.83 10.48 5.18
N ALA D 72 16.02 11.62 4.52
CA ALA D 72 14.96 12.15 3.66
C ALA D 72 14.66 11.21 2.51
N VAL D 73 15.69 10.65 1.88
CA VAL D 73 15.44 9.79 0.72
C VAL D 73 14.74 8.50 1.14
N PHE D 74 15.10 7.94 2.30
CA PHE D 74 14.49 6.66 2.65
C PHE D 74 13.14 6.80 3.34
N THR D 75 12.89 7.89 4.05
CA THR D 75 11.64 8.02 4.78
C THR D 75 10.49 8.58 3.96
N SER D 76 10.74 9.11 2.76
CA SER D 76 9.71 9.78 1.98
C SER D 76 9.32 8.93 0.79
N ARG D 77 8.02 8.68 0.65
CA ARG D 77 7.53 7.88 -0.47
C ARG D 77 7.78 8.58 -1.80
N ALA D 78 7.58 9.90 -1.86
CA ALA D 78 7.70 10.62 -3.11
C ALA D 78 9.10 10.53 -3.69
N LEU D 79 10.11 10.24 -2.88
CA LEU D 79 11.48 10.14 -3.34
C LEU D 79 11.86 8.75 -3.78
N LYS D 80 10.91 7.81 -3.77
CA LYS D 80 11.20 6.44 -4.19
C LYS D 80 11.35 6.36 -5.70
N ALA D 81 12.41 6.97 -6.22
CA ALA D 81 12.72 6.92 -7.64
C ALA D 81 14.13 6.37 -7.82
N PRO D 82 14.36 5.61 -8.89
CA PRO D 82 15.65 4.91 -9.02
C PRO D 82 16.86 5.82 -9.08
N GLN D 83 16.70 7.08 -9.47
CA GLN D 83 17.87 7.94 -9.61
C GLN D 83 18.41 8.43 -8.27
N ASN D 84 17.63 8.38 -7.20
CA ASN D 84 18.08 8.89 -5.92
C ASN D 84 19.11 7.99 -5.25
N LEU D 85 19.32 6.78 -5.76
CA LEU D 85 20.38 5.94 -5.22
C LEU D 85 21.75 6.58 -5.45
N PHE D 86 21.88 7.36 -6.53
CA PHE D 86 23.11 8.11 -6.73
C PHE D 86 23.36 9.07 -5.58
N LEU D 87 22.31 9.79 -5.17
CA LEU D 87 22.44 10.68 -4.02
C LEU D 87 22.79 9.91 -2.77
N VAL D 88 22.17 8.74 -2.59
CA VAL D 88 22.45 7.92 -1.42
C VAL D 88 23.94 7.56 -1.37
N SER D 89 24.47 7.06 -2.48
CA SER D 89 25.85 6.61 -2.50
C SER D 89 26.82 7.77 -2.35
N LEU D 90 26.52 8.90 -2.99
CA LEU D 90 27.36 10.08 -2.86
C LEU D 90 27.40 10.56 -1.42
N ALA D 91 26.23 10.61 -0.76
CA ALA D 91 26.18 11.03 0.63
C ALA D 91 26.94 10.05 1.52
N SER D 92 26.85 8.76 1.22
CA SER D 92 27.60 7.77 2.00
C SER D 92 29.10 8.00 1.87
N ALA D 93 29.57 8.24 0.65
CA ALA D 93 30.99 8.50 0.45
C ALA D 93 31.41 9.75 1.22
N ASP D 94 30.58 10.79 1.18
CA ASP D 94 30.88 12.00 1.94
C ASP D 94 30.97 11.72 3.44
N ILE D 95 30.03 10.92 3.96
CA ILE D 95 30.06 10.59 5.39
C ILE D 95 31.36 9.87 5.72
N LEU D 96 31.74 8.89 4.89
CA LEU D 96 32.95 8.13 5.18
C LEU D 96 34.18 9.02 5.20
N VAL D 97 34.37 9.82 4.15
CA VAL D 97 35.57 10.66 4.10
C VAL D 97 35.56 11.64 5.28
N ALA D 98 34.43 12.28 5.54
CA ALA D 98 34.37 13.26 6.61
C ALA D 98 34.66 12.62 7.96
N THR D 99 34.11 11.43 8.21
CA THR D 99 34.26 10.85 9.53
C THR D 99 35.66 10.31 9.77
N LEU D 100 36.36 9.82 8.75
CA LEU D 100 37.61 9.17 9.11
C LEU D 100 38.85 9.68 8.37
N VAL D 101 38.73 10.17 7.14
CA VAL D 101 39.92 10.66 6.44
C VAL D 101 40.39 11.97 7.06
N ILE D 102 39.44 12.88 7.31
CA ILE D 102 39.81 14.22 7.77
C ILE D 102 40.54 14.22 9.11
N PRO D 103 40.14 13.45 10.13
CA PRO D 103 40.86 13.54 11.41
C PRO D 103 42.34 13.24 11.29
N PHE D 104 42.71 12.27 10.46
CA PHE D 104 44.13 11.95 10.31
C PHE D 104 44.86 13.06 9.58
N SER D 105 44.21 13.71 8.62
CA SER D 105 44.82 14.86 7.96
C SER D 105 45.03 16.00 8.95
N LEU D 106 44.04 16.23 9.81
CA LEU D 106 44.20 17.24 10.85
C LEU D 106 45.33 16.89 11.80
N ALA D 107 45.43 15.61 12.18
CA ALA D 107 46.52 15.18 13.04
C ALA D 107 47.86 15.42 12.37
N ASN D 108 47.95 15.15 11.08
CA ASN D 108 49.13 15.55 10.34
C ASN D 108 49.22 17.07 10.30
N GLU D 109 50.46 17.56 10.24
CA GLU D 109 50.83 18.97 10.06
C GLU D 109 50.19 19.90 11.09
N VAL D 110 49.51 19.37 12.09
CA VAL D 110 49.14 20.20 13.23
C VAL D 110 50.31 20.33 14.19
N MET D 111 51.14 19.30 14.29
CA MET D 111 52.47 19.40 14.88
C MET D 111 53.58 19.28 13.85
N GLY D 112 53.27 18.75 12.67
CA GLY D 112 54.23 18.65 11.60
C GLY D 112 54.83 17.27 11.40
N TYR D 113 54.47 16.29 12.21
CA TYR D 113 55.01 14.95 12.06
C TYR D 113 53.89 13.92 12.10
N TRP D 114 53.95 12.96 11.18
CA TRP D 114 53.01 11.84 11.14
C TRP D 114 53.31 10.95 12.33
N TYR D 115 52.51 11.08 13.40
CA TYR D 115 52.85 10.45 14.67
C TYR D 115 52.94 8.94 14.54
N PHE D 116 51.98 8.32 13.87
CA PHE D 116 51.98 6.88 13.73
C PHE D 116 53.16 6.44 12.88
N GLY D 117 53.44 5.14 12.92
CA GLY D 117 54.55 4.57 12.16
C GLY D 117 54.23 4.50 10.69
N LYS D 118 54.89 3.56 10.01
CA LYS D 118 54.51 3.26 8.64
C LYS D 118 53.04 2.90 8.55
N ALA D 119 52.51 2.28 9.60
CA ALA D 119 51.09 2.00 9.72
C ALA D 119 50.39 3.21 10.34
N TRP D 120 49.44 3.78 9.61
CA TRP D 120 49.09 3.29 8.28
C TRP D 120 49.05 4.41 7.24
N CYS D 121 50.23 4.82 6.78
CA CYS D 121 50.30 5.85 5.75
C CYS D 121 49.97 5.28 4.38
N GLU D 122 50.53 4.11 4.06
CA GLU D 122 50.38 3.52 2.74
C GLU D 122 48.94 3.12 2.45
N ILE D 123 48.07 3.08 3.45
CA ILE D 123 46.66 2.87 3.20
C ILE D 123 45.84 4.12 3.50
N TYR D 124 46.27 4.98 4.42
CA TYR D 124 45.59 6.24 4.64
C TYR D 124 45.54 7.07 3.36
N LEU D 125 46.69 7.22 2.69
CA LEU D 125 46.72 8.02 1.47
C LEU D 125 45.83 7.42 0.40
N ALA D 126 45.94 6.11 0.18
CA ALA D 126 45.17 5.47 -0.88
C ALA D 126 43.68 5.57 -0.60
N LEU D 127 43.27 5.42 0.65
CA LEU D 127 41.85 5.46 0.97
C LEU D 127 41.30 6.88 0.85
N ASP D 128 42.09 7.88 1.24
CA ASP D 128 41.70 9.26 0.96
C ASP D 128 41.44 9.48 -0.53
N VAL D 129 42.40 9.05 -1.36
CA VAL D 129 42.25 9.23 -2.80
C VAL D 129 41.00 8.52 -3.28
N LEU D 130 40.76 7.31 -2.79
CA LEU D 130 39.60 6.54 -3.23
C LEU D 130 38.31 7.27 -2.90
N PHE D 131 38.19 7.78 -1.68
CA PHE D 131 36.96 8.46 -1.30
C PHE D 131 36.71 9.68 -2.16
N CYS D 132 37.74 10.51 -2.34
CA CYS D 132 37.52 11.74 -3.10
C CYS D 132 37.20 11.45 -4.56
N THR D 133 37.92 10.51 -5.18
CA THR D 133 37.64 10.18 -6.57
C THR D 133 36.24 9.59 -6.71
N SER D 134 35.80 8.79 -5.74
CA SER D 134 34.45 8.26 -5.78
C SER D 134 33.43 9.37 -5.75
N SER D 135 33.65 10.38 -4.91
CA SER D 135 32.75 11.53 -4.90
C SER D 135 32.69 12.20 -6.27
N ILE D 136 33.84 12.42 -6.89
CA ILE D 136 33.87 13.11 -8.18
C ILE D 136 33.10 12.32 -9.22
N VAL D 137 33.35 11.01 -9.28
CA VAL D 137 32.71 10.20 -10.32
C VAL D 137 31.21 10.05 -10.04
N HIS D 138 30.80 10.02 -8.76
CA HIS D 138 29.38 10.07 -8.47
C HIS D 138 28.74 11.32 -9.05
N LEU D 139 29.37 12.47 -8.85
CA LEU D 139 28.81 13.69 -9.39
C LEU D 139 28.72 13.63 -10.91
N CYS D 140 29.78 13.13 -11.55
CA CYS D 140 29.76 13.01 -13.01
C CYS D 140 28.64 12.08 -13.49
N ALA D 141 28.46 10.96 -12.82
CA ALA D 141 27.41 10.02 -13.21
C ALA D 141 26.02 10.63 -13.02
N ILE D 142 25.84 11.41 -11.95
CA ILE D 142 24.57 12.09 -11.76
C ILE D 142 24.28 13.02 -12.93
N SER D 143 25.29 13.79 -13.33
CA SER D 143 25.09 14.70 -14.46
C SER D 143 24.77 13.93 -15.73
N LEU D 144 25.47 12.83 -15.98
CA LEU D 144 25.22 12.05 -17.19
C LEU D 144 23.81 11.48 -17.18
N ASP D 145 23.33 11.04 -16.02
CA ASP D 145 21.97 10.54 -15.93
C ASP D 145 20.97 11.65 -16.23
N ARG D 146 21.21 12.85 -15.76
CA ARG D 146 20.29 13.90 -16.06
C ARG D 146 20.28 14.02 -17.52
N TYR D 147 21.40 14.19 -18.14
CA TYR D 147 21.44 14.44 -19.57
C TYR D 147 20.63 13.39 -20.33
N TRP D 148 20.91 12.11 -20.06
CA TRP D 148 20.20 11.05 -20.76
C TRP D 148 18.71 11.06 -20.44
N SER D 149 18.33 11.63 -19.31
CA SER D 149 16.92 11.79 -19.02
C SER D 149 16.31 12.91 -19.84
N ILE D 150 17.00 14.05 -19.93
CA ILE D 150 16.43 15.21 -20.58
C ILE D 150 16.41 15.07 -22.10
N THR D 151 17.24 14.20 -22.66
CA THR D 151 17.17 13.93 -24.09
C THR D 151 17.06 12.43 -24.34
N GLN D 152 16.34 12.08 -25.41
CA GLN D 152 16.04 10.67 -25.72
C GLN D 152 15.29 10.14 -24.51
N ALA D 153 14.26 10.89 -24.09
CA ALA D 153 13.52 10.64 -22.92
C ALA D 153 12.85 9.34 -22.86
N ILE D 154 12.29 8.89 -23.95
CA ILE D 154 11.60 7.62 -23.92
C ILE D 154 12.41 6.36 -23.71
N GLU D 155 13.45 6.20 -24.53
CA GLU D 155 14.31 5.04 -24.49
C GLU D 155 15.00 4.94 -23.15
N TYR D 156 15.46 6.05 -22.67
CA TYR D 156 16.07 5.91 -21.42
C TYR D 156 15.03 5.73 -20.37
N ASN D 157 13.86 6.26 -20.62
CA ASN D 157 12.87 6.22 -19.58
C ASN D 157 12.67 4.77 -19.37
N LEU D 158 12.74 4.06 -20.45
CA LEU D 158 12.58 2.66 -20.44
C LEU D 158 13.64 1.94 -19.66
N LYS D 159 14.88 2.37 -19.73
CA LYS D 159 15.95 1.68 -19.02
C LYS D 159 16.43 2.18 -17.65
N ARG D 160 15.54 2.69 -16.86
CA ARG D 160 15.66 3.31 -15.55
C ARG D 160 15.30 2.36 -14.42
N THR D 161 15.40 1.06 -14.64
CA THR D 161 15.14 0.12 -13.58
C THR D 161 16.21 0.25 -12.49
N PRO D 162 15.85 -0.02 -11.23
CA PRO D 162 16.86 0.05 -10.16
C PRO D 162 18.04 -0.87 -10.37
N ARG D 163 17.88 -1.94 -11.17
CA ARG D 163 19.01 -2.82 -11.45
C ARG D 163 20.14 -2.07 -12.12
N ARG D 164 19.83 -1.29 -13.17
CA ARG D 164 20.89 -0.57 -13.86
C ARG D 164 21.52 0.48 -12.96
N ILE D 165 20.74 1.10 -12.09
CA ILE D 165 21.28 2.09 -11.18
C ILE D 165 22.33 1.46 -10.27
N LYS D 166 22.02 0.29 -9.71
CA LYS D 166 22.98 -0.40 -8.86
C LYS D 166 24.21 -0.82 -9.67
N ALA D 167 24.01 -1.25 -10.91
CA ALA D 167 25.15 -1.59 -11.76
C ALA D 167 26.07 -0.39 -11.93
N ILE D 168 25.51 0.78 -12.21
CA ILE D 168 26.34 1.97 -12.40
C ILE D 168 27.02 2.35 -11.09
N ILE D 169 26.33 2.19 -9.97
CA ILE D 169 26.93 2.55 -8.68
C ILE D 169 28.14 1.68 -8.39
N ILE D 170 27.99 0.36 -8.56
CA ILE D 170 29.13 -0.50 -8.29
C ILE D 170 30.25 -0.26 -9.32
N THR D 171 29.88 0.10 -10.56
CA THR D 171 30.90 0.44 -11.54
C THR D 171 31.71 1.65 -11.09
N VAL D 172 31.03 2.68 -10.56
CA VAL D 172 31.74 3.85 -10.07
C VAL D 172 32.67 3.47 -8.93
N TRP D 173 32.18 2.66 -7.99
CA TRP D 173 33.03 2.29 -6.86
C TRP D 173 34.25 1.51 -7.32
N VAL D 174 34.07 0.58 -8.27
CA VAL D 174 35.22 -0.24 -8.68
C VAL D 174 36.20 0.57 -9.51
N ILE D 175 35.73 1.53 -10.32
CA ILE D 175 36.69 2.34 -11.06
C ILE D 175 37.46 3.24 -10.10
N SER D 176 36.79 3.76 -9.07
CA SER D 176 37.52 4.49 -8.04
C SER D 176 38.57 3.61 -7.37
N ALA D 177 38.19 2.36 -7.07
CA ALA D 177 39.12 1.44 -6.44
C ALA D 177 40.33 1.15 -7.31
N VAL D 178 40.11 0.93 -8.62
CA VAL D 178 41.24 0.63 -9.49
C VAL D 178 42.09 1.87 -9.70
N ILE D 179 41.50 3.06 -9.61
CA ILE D 179 42.31 4.28 -9.67
C ILE D 179 43.21 4.37 -8.44
N SER D 180 42.67 4.09 -7.26
CA SER D 180 43.42 4.32 -6.03
C SER D 180 44.24 3.12 -5.58
N PHE D 181 44.10 1.97 -6.22
CA PHE D 181 44.79 0.76 -5.75
C PHE D 181 46.30 0.85 -5.86
N PRO D 182 46.89 1.24 -6.98
CA PRO D 182 48.36 1.31 -7.05
C PRO D 182 48.88 2.50 -6.26
N PRO D 183 49.99 2.34 -5.54
CA PRO D 183 50.70 1.06 -5.44
C PRO D 183 50.20 0.20 -4.29
N ARG D 202 56.29 11.51 9.40
CA ARG D 202 56.27 12.22 8.13
C ARG D 202 55.64 11.38 7.03
N CYS D 203 54.35 11.59 6.80
CA CYS D 203 53.60 10.90 5.75
C CYS D 203 53.09 11.94 4.77
N GLU D 204 53.47 11.78 3.50
CA GLU D 204 53.16 12.77 2.47
C GLU D 204 52.67 12.06 1.22
N ILE D 205 51.83 12.77 0.46
CA ILE D 205 51.12 12.20 -0.69
C ILE D 205 52.11 11.82 -1.79
N ASN D 206 51.63 11.05 -2.76
CA ASN D 206 52.50 10.48 -3.79
C ASN D 206 53.17 11.58 -4.61
N ASP D 207 54.30 11.23 -5.22
CA ASP D 207 55.07 12.14 -6.04
C ASP D 207 55.54 11.52 -7.35
N GLN D 208 55.20 10.26 -7.61
CA GLN D 208 55.63 9.60 -8.84
C GLN D 208 55.05 10.33 -10.04
N LYS D 209 55.93 10.93 -10.84
CA LYS D 209 55.49 11.85 -11.88
C LYS D 209 54.53 11.17 -12.86
N TRP D 210 54.88 9.99 -13.35
CA TRP D 210 54.03 9.29 -14.30
C TRP D 210 52.68 8.95 -13.70
N TYR D 211 52.66 8.41 -12.48
CA TYR D 211 51.40 8.02 -11.86
C TYR D 211 50.53 9.23 -11.55
N VAL D 212 51.13 10.30 -11.02
CA VAL D 212 50.36 11.44 -10.56
C VAL D 212 49.57 12.06 -11.71
N ILE D 213 50.21 12.23 -12.86
CA ILE D 213 49.54 12.87 -13.99
C ILE D 213 48.34 12.05 -14.42
N SER D 214 48.52 10.74 -14.59
CA SER D 214 47.41 9.90 -15.02
C SER D 214 46.28 9.91 -14.01
N SER D 215 46.54 9.77 -12.72
CA SER D 215 45.41 9.81 -11.83
C SER D 215 44.74 11.14 -11.79
N CYS D 216 45.51 12.17 -11.66
CA CYS D 216 44.82 13.44 -11.56
C CYS D 216 43.94 13.69 -12.78
N ILE D 217 44.46 13.41 -13.99
CA ILE D 217 43.64 13.67 -15.18
C ILE D 217 42.42 12.77 -15.18
N GLY D 218 42.60 11.46 -14.99
CA GLY D 218 41.48 10.55 -15.04
C GLY D 218 40.56 10.62 -13.84
N SER D 219 40.94 11.37 -12.81
CA SER D 219 40.05 11.54 -11.68
C SER D 219 39.33 12.88 -11.68
N PHE D 220 39.88 13.91 -12.31
CA PHE D 220 39.25 15.21 -12.29
C PHE D 220 38.91 15.76 -13.67
N PHE D 221 39.85 15.71 -14.61
CA PHE D 221 39.70 16.50 -15.82
C PHE D 221 38.57 15.98 -16.70
N ALA D 222 38.55 14.67 -16.94
CA ALA D 222 37.46 14.11 -17.75
C ALA D 222 36.09 14.34 -17.13
N PRO D 223 35.85 14.03 -15.85
CA PRO D 223 34.52 14.32 -15.28
C PRO D 223 34.14 15.79 -15.38
N CYS D 224 35.09 16.69 -15.15
CA CYS D 224 34.79 18.11 -15.26
C CYS D 224 34.36 18.47 -16.68
N LEU D 225 35.08 17.95 -17.67
CA LEU D 225 34.72 18.24 -19.06
C LEU D 225 33.33 17.71 -19.40
N ILE D 226 33.02 16.50 -18.92
CA ILE D 226 31.69 15.94 -19.18
C ILE D 226 30.61 16.81 -18.53
N MET D 227 30.85 17.25 -17.30
CA MET D 227 29.89 18.16 -16.66
C MET D 227 29.68 19.41 -17.51
N ILE D 228 30.79 20.03 -17.94
CA ILE D 228 30.67 21.26 -18.73
C ILE D 228 29.81 21.00 -19.96
N LEU D 229 30.12 19.93 -20.70
CA LEU D 229 29.39 19.65 -21.93
C LEU D 229 27.91 19.44 -21.66
N VAL D 230 27.59 18.54 -20.73
CA VAL D 230 26.19 18.17 -20.55
C VAL D 230 25.38 19.34 -19.99
N TYR D 231 25.97 20.12 -19.08
CA TYR D 231 25.20 21.21 -18.51
C TYR D 231 25.05 22.36 -19.49
N VAL D 232 26.04 22.58 -20.37
CA VAL D 232 25.86 23.55 -21.43
C VAL D 232 24.74 23.12 -22.36
N ARG D 233 24.70 21.83 -22.70
CA ARG D 233 23.62 21.33 -23.54
C ARG D 233 22.26 21.52 -22.88
N ILE D 234 22.22 21.32 -21.60
CA ILE D 234 20.98 21.50 -20.93
C ILE D 234 20.61 22.90 -21.11
N TYR D 235 21.45 23.78 -20.68
CA TYR D 235 21.13 25.21 -20.75
C TYR D 235 20.63 25.59 -22.14
N GLN D 236 21.28 25.08 -23.17
CA GLN D 236 20.85 25.40 -24.54
C GLN D 236 19.42 24.94 -24.79
N ILE D 237 19.10 23.70 -24.39
CA ILE D 237 17.76 23.18 -24.63
C ILE D 237 16.73 23.96 -23.83
N ALA D 238 17.03 24.25 -22.56
CA ALA D 238 16.09 24.99 -21.74
C ALA D 238 15.82 26.38 -22.31
N LYS D 239 16.87 27.05 -22.79
CA LYS D 239 16.67 28.35 -23.41
C LYS D 239 15.85 28.21 -24.69
N ARG D 240 16.11 27.17 -25.49
CA ARG D 240 15.37 27.00 -26.73
C ARG D 240 13.89 26.79 -26.48
N ARG D 241 13.54 26.00 -25.48
CA ARG D 241 12.13 25.74 -25.18
C ARG D 241 11.48 26.88 -24.42
N THR D 242 12.22 27.91 -24.05
CA THR D 242 11.67 28.95 -23.17
C THR D 242 10.55 29.73 -23.85
N ARG D 243 10.74 30.12 -25.09
CA ARG D 243 9.78 31.01 -25.75
C ARG D 243 8.46 30.26 -25.99
N ARG D 378 5.46 35.03 -18.65
CA ARG D 378 5.02 36.05 -17.70
C ARG D 378 6.05 36.35 -16.59
N GLY D 379 6.54 35.36 -15.84
CA GLY D 379 6.23 33.94 -15.98
C GLY D 379 7.37 33.16 -16.59
N ARG D 380 7.22 32.80 -17.88
CA ARG D 380 8.27 32.05 -18.56
C ARG D 380 9.58 32.82 -18.59
N GLN D 381 9.51 34.13 -18.87
CA GLN D 381 10.71 34.95 -18.83
C GLN D 381 11.24 35.07 -17.40
N ASN D 382 10.35 35.09 -16.41
CA ASN D 382 10.79 35.07 -15.02
C ASN D 382 11.56 33.77 -14.73
N ARG D 383 11.11 32.65 -15.19
CA ARG D 383 11.94 31.57 -14.84
C ARG D 383 13.28 31.72 -15.52
N GLU D 384 13.25 32.02 -16.81
CA GLU D 384 14.53 32.00 -17.52
C GLU D 384 15.64 32.59 -16.67
N LYS D 385 15.38 33.73 -16.03
CA LYS D 385 16.35 34.28 -15.09
C LYS D 385 16.53 33.37 -13.88
N ARG D 386 15.49 32.63 -13.53
CA ARG D 386 15.53 31.81 -12.32
C ARG D 386 16.47 30.61 -12.48
N PHE D 387 16.31 29.87 -13.56
CA PHE D 387 17.10 28.68 -13.68
C PHE D 387 18.55 28.91 -13.93
N THR D 388 18.86 29.81 -14.83
CA THR D 388 20.26 30.05 -15.17
C THR D 388 21.11 30.22 -13.92
N PHE D 389 20.58 30.94 -12.93
CA PHE D 389 21.28 31.05 -11.65
C PHE D 389 21.47 29.68 -11.02
N VAL D 390 20.45 28.87 -11.08
CA VAL D 390 20.53 27.56 -10.45
C VAL D 390 21.12 26.51 -11.31
N LEU D 391 21.94 26.94 -12.22
CA LEU D 391 22.58 26.01 -13.06
C LEU D 391 23.94 26.49 -12.97
N ALA D 392 24.10 27.79 -12.88
CA ALA D 392 25.43 28.34 -12.67
C ALA D 392 25.99 27.95 -11.31
N VAL D 393 25.12 27.75 -10.33
CA VAL D 393 25.58 27.32 -9.01
C VAL D 393 26.17 25.92 -9.09
N VAL D 394 25.49 25.00 -9.78
CA VAL D 394 25.92 23.61 -9.80
C VAL D 394 27.31 23.50 -10.43
N ILE D 395 27.49 24.10 -11.60
CA ILE D 395 28.78 24.02 -12.29
C ILE D 395 29.81 24.96 -11.73
N GLY D 396 29.42 25.88 -10.85
CA GLY D 396 30.35 26.84 -10.30
C GLY D 396 31.08 26.33 -9.08
N VAL D 397 30.31 25.88 -8.08
CA VAL D 397 30.91 25.41 -6.84
C VAL D 397 31.87 24.27 -7.11
N PHE D 398 31.51 23.38 -8.03
CA PHE D 398 32.36 22.24 -8.32
C PHE D 398 33.73 22.66 -8.82
N VAL D 399 33.78 23.68 -9.68
CA VAL D 399 35.06 24.08 -10.26
C VAL D 399 35.89 24.86 -9.25
N VAL D 400 35.27 25.85 -8.58
CA VAL D 400 36.03 26.72 -7.69
C VAL D 400 36.66 25.98 -6.52
N CYS D 401 36.35 24.71 -6.33
CA CYS D 401 36.90 23.94 -5.23
C CYS D 401 37.94 22.92 -5.69
N TRP D 402 37.57 22.01 -6.61
CA TRP D 402 38.50 20.97 -6.99
C TRP D 402 39.52 21.43 -8.03
N PHE D 403 39.17 22.40 -8.86
CA PHE D 403 40.11 22.85 -9.89
C PHE D 403 41.39 23.43 -9.30
N PRO D 404 41.37 24.32 -8.30
CA PRO D 404 42.63 24.89 -7.81
C PRO D 404 43.63 23.84 -7.36
N PHE D 405 43.23 22.93 -6.46
CA PHE D 405 44.17 21.92 -5.99
C PHE D 405 44.65 21.04 -7.13
N PHE D 406 43.73 20.49 -7.92
CA PHE D 406 44.12 19.64 -9.04
C PHE D 406 45.00 20.41 -10.02
N PHE D 407 44.77 21.71 -10.17
CA PHE D 407 45.63 22.51 -11.04
C PHE D 407 47.04 22.56 -10.49
N THR D 408 47.18 22.90 -9.21
CA THR D 408 48.51 23.04 -8.62
C THR D 408 49.16 21.70 -8.34
N TYR D 409 48.37 20.66 -8.03
CA TYR D 409 48.96 19.36 -7.74
C TYR D 409 49.67 18.80 -8.95
N THR D 410 49.02 18.81 -10.11
CA THR D 410 49.70 18.39 -11.33
C THR D 410 50.76 19.42 -11.74
N LEU D 411 50.57 20.67 -11.35
CA LEU D 411 51.65 21.63 -11.45
C LEU D 411 52.77 21.22 -10.49
N THR D 412 53.99 21.65 -10.82
CA THR D 412 55.17 21.36 -10.02
C THR D 412 55.47 19.87 -10.00
N ALA D 413 54.66 19.07 -10.68
CA ALA D 413 54.83 17.63 -10.73
C ALA D 413 55.58 17.15 -11.96
N VAL D 414 55.40 17.85 -13.09
CA VAL D 414 56.10 17.54 -14.32
C VAL D 414 56.88 18.73 -14.85
N GLY D 415 56.26 19.91 -14.87
CA GLY D 415 56.87 21.11 -15.41
C GLY D 415 57.56 21.93 -14.36
N CYS D 416 57.52 23.24 -14.53
CA CYS D 416 58.11 24.16 -13.57
C CYS D 416 57.45 23.99 -12.21
N SER D 417 58.27 24.04 -11.16
CA SER D 417 57.83 23.74 -9.81
C SER D 417 57.95 24.98 -8.94
N VAL D 418 56.83 25.69 -8.77
CA VAL D 418 56.80 26.85 -7.87
C VAL D 418 55.61 26.69 -6.93
N PRO D 419 55.69 25.82 -5.93
CA PRO D 419 54.62 25.74 -4.94
C PRO D 419 54.70 26.90 -3.95
N ARG D 420 53.66 27.00 -3.13
CA ARG D 420 53.59 28.04 -2.11
C ARG D 420 52.91 27.44 -0.88
N THR D 421 52.55 28.31 0.06
CA THR D 421 51.81 27.88 1.24
C THR D 421 50.32 27.70 0.97
N LEU D 422 49.81 28.24 -0.14
CA LEU D 422 48.40 28.13 -0.48
C LEU D 422 47.97 26.70 -0.77
N PHE D 423 48.92 25.79 -0.97
CA PHE D 423 48.58 24.40 -1.23
C PHE D 423 47.70 23.83 -0.11
N LYS D 424 47.97 24.22 1.12
CA LYS D 424 47.12 23.80 2.24
C LYS D 424 45.70 24.33 2.05
N PHE D 425 45.56 25.57 1.60
CA PHE D 425 44.24 26.13 1.37
C PHE D 425 43.49 25.35 0.29
N PHE D 426 44.17 25.03 -0.81
CA PHE D 426 43.52 24.27 -1.88
C PHE D 426 43.13 22.89 -1.40
N PHE D 427 44.00 22.25 -0.62
CA PHE D 427 43.74 20.92 -0.09
C PHE D 427 42.50 20.94 0.80
N TRP D 428 42.46 21.94 1.64
CA TRP D 428 41.33 22.10 2.49
C TRP D 428 40.05 22.35 1.73
N PHE D 429 40.11 23.19 0.72
CA PHE D 429 38.93 23.49 -0.10
C PHE D 429 38.38 22.23 -0.77
N GLY D 430 39.29 21.41 -1.31
CA GLY D 430 38.87 20.14 -1.86
C GLY D 430 38.16 19.29 -0.83
N TYR D 431 38.53 19.38 0.41
CA TYR D 431 37.75 18.67 1.38
C TYR D 431 36.48 19.27 1.65
N CYS D 432 36.50 20.55 1.72
CA CYS D 432 35.33 21.22 2.29
C CYS D 432 34.14 21.19 1.35
N ASN D 433 34.37 21.19 0.03
CA ASN D 433 33.22 21.30 -0.87
C ASN D 433 32.24 20.15 -0.70
N SER D 434 32.71 18.99 -0.28
CA SER D 434 31.82 17.85 -0.09
C SER D 434 30.76 18.14 0.96
N SER D 435 31.02 19.09 1.86
CA SER D 435 30.00 19.50 2.82
C SER D 435 28.80 20.11 2.11
N LEU D 436 29.04 21.03 1.19
CA LEU D 436 27.97 21.66 0.44
C LEU D 436 27.42 20.77 -0.67
N ASN D 437 28.18 19.75 -1.06
CA ASN D 437 27.79 18.90 -2.18
C ASN D 437 26.36 18.38 -2.11
N PRO D 438 25.86 17.88 -0.98
CA PRO D 438 24.45 17.46 -0.95
C PRO D 438 23.48 18.63 -1.06
N VAL D 439 23.81 19.77 -0.47
CA VAL D 439 22.90 20.92 -0.46
C VAL D 439 22.60 21.35 -1.89
N ILE D 440 23.62 21.42 -2.73
CA ILE D 440 23.42 21.85 -4.11
C ILE D 440 22.43 20.94 -4.81
N TYR D 441 22.57 19.64 -4.65
CA TYR D 441 21.73 18.70 -5.38
C TYR D 441 20.38 18.45 -4.73
N THR D 442 20.15 18.94 -3.51
CA THR D 442 18.86 18.68 -2.88
C THR D 442 18.02 19.92 -2.61
N ILE D 443 18.60 21.13 -2.65
CA ILE D 443 17.85 22.30 -2.23
C ILE D 443 16.78 22.67 -3.26
N PHE D 444 17.03 22.36 -4.50
CA PHE D 444 16.10 22.74 -5.52
C PHE D 444 15.02 21.75 -5.68
N ASN D 445 14.58 21.20 -4.57
CA ASN D 445 13.49 20.23 -4.56
C ASN D 445 12.64 20.22 -3.34
N HIS D 446 11.60 20.97 -3.48
CA HIS D 446 10.57 21.16 -2.45
C HIS D 446 10.26 19.78 -1.99
N ASP D 447 10.11 18.93 -2.98
CA ASP D 447 9.85 17.53 -2.82
C ASP D 447 10.89 17.04 -1.87
N PHE D 448 12.12 17.38 -2.18
CA PHE D 448 13.15 17.09 -1.27
C PHE D 448 12.93 18.00 -0.13
N ARG D 449 12.74 19.28 -0.45
CA ARG D 449 12.62 20.32 0.55
C ARG D 449 11.50 20.08 1.53
N ARG D 450 10.36 19.60 1.01
CA ARG D 450 9.19 19.33 1.85
C ARG D 450 9.56 18.26 2.87
N ALA D 451 10.24 17.22 2.39
CA ALA D 451 10.74 16.19 3.29
C ALA D 451 11.63 16.80 4.37
N PHE D 452 12.53 17.71 3.97
CA PHE D 452 13.39 18.36 4.94
C PHE D 452 12.59 19.18 5.94
N LYS D 453 11.57 19.91 5.46
CA LYS D 453 10.76 20.71 6.35
C LYS D 453 10.02 19.83 7.35
N LYS D 454 9.47 18.71 6.89
CA LYS D 454 8.77 17.81 7.79
C LYS D 454 9.72 17.23 8.83
N ILE D 455 10.92 16.84 8.40
CA ILE D 455 11.89 16.28 9.34
C ILE D 455 12.34 17.33 10.35
N LEU D 456 12.51 18.57 9.90
CA LEU D 456 12.96 19.63 10.79
C LEU D 456 11.90 19.99 11.81
N CYS D 457 10.66 20.19 11.37
CA CYS D 457 9.59 20.58 12.28
C CYS D 457 8.80 19.38 12.77
N ASP E 39 -9.70 -34.36 -7.73
CA ASP E 39 -9.32 -33.07 -7.17
C ASP E 39 -7.90 -33.12 -6.62
N VAL E 40 -7.73 -32.71 -5.36
CA VAL E 40 -6.42 -32.75 -4.73
C VAL E 40 -6.01 -34.20 -4.55
N GLN E 41 -4.85 -34.56 -5.08
CA GLN E 41 -4.36 -35.93 -4.96
C GLN E 41 -2.88 -35.95 -5.28
N LEU E 42 -2.15 -36.78 -4.53
CA LEU E 42 -0.72 -36.94 -4.71
C LEU E 42 -0.43 -38.40 -5.02
N VAL E 43 0.21 -38.66 -6.15
CA VAL E 43 0.56 -40.00 -6.58
C VAL E 43 2.06 -40.10 -6.72
N GLU E 44 2.63 -41.20 -6.24
CA GLU E 44 4.08 -41.36 -6.21
C GLU E 44 4.46 -42.81 -6.46
N SER E 45 5.46 -43.00 -7.32
CA SER E 45 6.00 -44.33 -7.59
C SER E 45 7.40 -44.15 -8.17
N GLY E 46 8.40 -44.49 -7.37
CA GLY E 46 9.77 -44.56 -7.86
C GLY E 46 10.54 -45.66 -7.16
N GLY E 47 9.84 -46.47 -6.38
CA GLY E 47 10.47 -47.44 -5.52
C GLY E 47 10.47 -48.85 -6.09
N GLY E 48 11.38 -49.67 -5.56
CA GLY E 48 11.50 -51.05 -5.99
C GLY E 48 12.63 -51.72 -5.24
N LEU E 49 12.83 -52.99 -5.57
CA LEU E 49 13.87 -53.79 -4.93
C LEU E 49 15.22 -53.33 -5.46
N VAL E 50 16.09 -52.87 -4.57
CA VAL E 50 17.41 -52.37 -4.92
C VAL E 50 18.45 -53.03 -4.02
N GLN E 51 19.52 -53.52 -4.61
CA GLN E 51 20.60 -54.11 -3.83
C GLN E 51 21.28 -53.04 -2.98
N PRO E 52 21.86 -53.42 -1.84
CA PRO E 52 22.40 -52.42 -0.91
C PRO E 52 23.51 -51.60 -1.53
N GLY E 53 23.61 -50.34 -1.10
CA GLY E 53 24.59 -49.41 -1.64
C GLY E 53 24.20 -48.76 -2.94
N GLY E 54 23.02 -49.04 -3.46
CA GLY E 54 22.58 -48.49 -4.73
C GLY E 54 22.07 -47.06 -4.59
N SER E 55 21.46 -46.59 -5.68
CA SER E 55 20.93 -45.24 -5.76
C SER E 55 19.60 -45.26 -6.47
N ARG E 56 18.72 -44.33 -6.10
CA ARG E 56 17.36 -44.29 -6.64
C ARG E 56 16.81 -42.88 -6.49
N LYS E 57 15.82 -42.56 -7.31
CA LYS E 57 15.11 -41.30 -7.22
C LYS E 57 13.62 -41.57 -7.00
N LEU E 58 13.00 -40.75 -6.15
CA LEU E 58 11.58 -40.84 -5.85
C LEU E 58 10.87 -39.59 -6.31
N SER E 59 9.62 -39.75 -6.76
CA SER E 59 8.86 -38.62 -7.28
C SER E 59 7.39 -38.79 -6.93
N CYS E 60 6.75 -37.69 -6.51
CA CYS E 60 5.31 -37.66 -6.36
C CYS E 60 4.75 -36.49 -7.16
N SER E 61 3.68 -36.75 -7.90
CA SER E 61 3.09 -35.77 -8.80
C SER E 61 1.91 -35.09 -8.15
N ALA E 62 1.86 -33.77 -8.24
CA ALA E 62 0.84 -32.96 -7.59
C ALA E 62 -0.16 -32.47 -8.61
N SER E 63 -1.45 -32.68 -8.34
CA SER E 63 -2.52 -32.20 -9.21
C SER E 63 -3.65 -31.65 -8.37
N GLY E 64 -4.38 -30.70 -8.94
CA GLY E 64 -5.57 -30.19 -8.32
C GLY E 64 -5.36 -29.15 -7.24
N PHE E 65 -4.16 -28.60 -7.10
CA PHE E 65 -3.96 -27.54 -6.13
C PHE E 65 -2.74 -26.72 -6.53
N ALA E 66 -2.63 -25.54 -5.93
CA ALA E 66 -1.54 -24.62 -6.25
C ALA E 66 -0.24 -25.12 -5.66
N PHE E 67 0.41 -26.06 -6.36
CA PHE E 67 1.58 -26.72 -5.81
C PHE E 67 2.71 -25.74 -5.50
N SER E 68 2.82 -24.67 -6.28
CA SER E 68 3.93 -23.76 -6.13
C SER E 68 3.92 -23.02 -4.79
N SER E 69 2.79 -23.03 -4.08
CA SER E 69 2.65 -22.24 -2.87
C SER E 69 2.70 -23.09 -1.60
N PHE E 70 3.12 -24.35 -1.70
CA PHE E 70 3.13 -25.26 -0.57
C PHE E 70 4.53 -25.73 -0.25
N GLY E 71 4.78 -25.97 1.03
CA GLY E 71 5.98 -26.67 1.45
C GLY E 71 5.70 -28.16 1.54
N MET E 72 6.71 -28.95 1.19
CA MET E 72 6.56 -30.40 1.08
C MET E 72 7.48 -31.12 2.04
N HIS E 73 7.03 -32.27 2.52
CA HIS E 73 7.80 -33.11 3.42
C HIS E 73 7.84 -34.53 2.88
N TRP E 74 8.84 -35.28 3.32
CA TRP E 74 8.93 -36.72 3.10
C TRP E 74 8.91 -37.41 4.44
N VAL E 75 8.01 -38.37 4.62
CA VAL E 75 7.86 -39.09 5.87
C VAL E 75 7.97 -40.57 5.59
N ARG E 76 8.75 -41.27 6.41
CA ARG E 76 9.06 -42.67 6.20
C ARG E 76 8.41 -43.51 7.28
N GLN E 77 7.89 -44.68 6.89
CA GLN E 77 7.28 -45.62 7.82
C GLN E 77 7.94 -46.98 7.67
N ALA E 78 8.42 -47.53 8.77
CA ALA E 78 9.06 -48.83 8.75
C ALA E 78 8.03 -49.90 8.43
N PRO E 79 8.48 -51.06 7.89
CA PRO E 79 7.51 -52.10 7.51
C PRO E 79 6.67 -52.60 8.67
N GLU E 80 7.20 -52.65 9.88
CA GLU E 80 6.42 -53.13 11.01
C GLU E 80 5.47 -52.05 11.56
N LYS E 81 6.02 -50.97 12.10
CA LYS E 81 5.25 -49.84 12.61
C LYS E 81 6.13 -48.59 12.53
N GLY E 82 5.66 -47.53 13.17
CA GLY E 82 6.47 -46.36 13.38
C GLY E 82 6.38 -45.36 12.24
N LEU E 83 6.62 -44.09 12.57
CA LEU E 83 6.69 -43.02 11.59
C LEU E 83 7.84 -42.09 11.97
N GLU E 84 8.59 -41.65 10.96
CA GLU E 84 9.70 -40.74 11.22
C GLU E 84 9.87 -39.78 10.06
N TRP E 85 10.15 -38.53 10.39
CA TRP E 85 10.35 -37.49 9.39
C TRP E 85 11.67 -37.73 8.66
N VAL E 86 11.74 -37.23 7.43
CA VAL E 86 12.94 -37.46 6.62
C VAL E 86 13.54 -36.15 6.14
N ALA E 87 12.76 -35.35 5.41
CA ALA E 87 13.28 -34.12 4.82
C ALA E 87 12.16 -33.11 4.71
N TYR E 88 12.49 -31.93 4.19
CA TYR E 88 11.52 -30.86 3.99
C TYR E 88 12.14 -29.79 3.11
N ILE E 89 11.37 -29.31 2.14
CA ILE E 89 11.78 -28.22 1.27
C ILE E 89 10.73 -27.12 1.35
N SER E 90 11.19 -25.88 1.46
CA SER E 90 10.29 -24.76 1.70
C SER E 90 9.43 -24.49 0.46
N SER E 91 8.58 -23.47 0.58
CA SER E 91 7.69 -23.12 -0.52
C SER E 91 8.47 -22.64 -1.73
N GLY E 92 9.37 -21.68 -1.54
CA GLY E 92 10.21 -21.18 -2.60
C GLY E 92 11.52 -21.91 -2.77
N SER E 93 11.66 -23.08 -2.15
CA SER E 93 12.92 -23.84 -2.17
C SER E 93 14.08 -22.99 -1.69
N GLY E 94 13.84 -22.22 -0.63
CA GLY E 94 14.87 -21.39 -0.05
C GLY E 94 15.33 -21.88 1.31
N THR E 95 14.72 -22.96 1.79
CA THR E 95 15.05 -23.52 3.09
C THR E 95 14.86 -25.03 3.04
N ILE E 96 15.89 -25.77 3.44
CA ILE E 96 15.86 -27.23 3.40
C ILE E 96 16.36 -27.76 4.74
N TYR E 97 15.75 -28.84 5.21
CA TYR E 97 16.20 -29.54 6.40
C TYR E 97 16.22 -31.03 6.14
N TYR E 98 17.06 -31.73 6.89
CA TYR E 98 17.18 -33.18 6.79
C TYR E 98 17.17 -33.78 8.18
N ALA E 99 16.94 -35.09 8.25
CA ALA E 99 17.05 -35.81 9.49
C ALA E 99 18.53 -36.14 9.74
N ASP E 100 18.81 -36.99 10.72
CA ASP E 100 20.19 -37.32 11.05
C ASP E 100 20.78 -38.37 10.13
N THR E 101 20.14 -39.54 10.02
CA THR E 101 20.62 -40.56 9.09
C THR E 101 20.49 -40.13 7.64
N VAL E 102 19.59 -39.19 7.35
CA VAL E 102 19.37 -38.75 5.99
C VAL E 102 20.57 -37.98 5.46
N LYS E 103 21.20 -37.18 6.31
CA LYS E 103 22.16 -36.17 5.85
C LYS E 103 23.29 -36.80 5.06
N GLY E 104 23.63 -36.14 3.94
CA GLY E 104 24.76 -36.52 3.13
C GLY E 104 24.50 -37.56 2.07
N ARG E 105 23.39 -38.29 2.16
CA ARG E 105 23.11 -39.36 1.22
C ARG E 105 21.86 -39.08 0.43
N PHE E 106 20.92 -38.34 1.01
CA PHE E 106 19.65 -38.04 0.38
C PHE E 106 19.56 -36.54 0.13
N THR E 107 18.92 -36.17 -0.97
CA THR E 107 18.65 -34.77 -1.27
C THR E 107 17.26 -34.63 -1.85
N ILE E 108 16.70 -33.43 -1.68
CA ILE E 108 15.31 -33.15 -2.04
C ILE E 108 15.28 -31.97 -2.99
N SER E 109 14.43 -32.05 -4.01
CA SER E 109 14.35 -31.00 -5.01
C SER E 109 12.96 -30.95 -5.61
N ARG E 110 12.57 -29.75 -6.03
CA ARG E 110 11.27 -29.51 -6.63
C ARG E 110 11.44 -28.70 -7.90
N ASP E 111 10.48 -28.85 -8.81
CA ASP E 111 10.42 -28.04 -10.03
C ASP E 111 8.98 -27.56 -10.17
N ASP E 112 8.70 -26.39 -9.60
CA ASP E 112 7.33 -25.89 -9.51
C ASP E 112 6.61 -25.85 -10.85
N PRO E 113 7.20 -25.36 -11.95
CA PRO E 113 6.47 -25.41 -13.23
C PRO E 113 6.09 -26.81 -13.66
N LYS E 114 6.87 -27.83 -13.28
CA LYS E 114 6.55 -29.20 -13.65
C LYS E 114 5.66 -29.90 -12.63
N ASN E 115 5.48 -29.33 -11.44
CA ASN E 115 4.60 -29.86 -10.41
C ASN E 115 5.04 -31.26 -9.97
N THR E 116 6.29 -31.35 -9.53
CA THR E 116 6.85 -32.63 -9.13
C THR E 116 7.84 -32.43 -7.99
N LEU E 117 7.86 -33.40 -7.08
CA LEU E 117 8.81 -33.43 -5.98
C LEU E 117 9.80 -34.57 -6.20
N PHE E 118 11.07 -34.33 -5.87
CA PHE E 118 12.12 -35.31 -6.11
C PHE E 118 12.88 -35.60 -4.82
N LEU E 119 13.17 -36.88 -4.60
CA LEU E 119 14.04 -37.31 -3.51
C LEU E 119 15.05 -38.29 -4.08
N GLN E 120 16.33 -38.01 -3.88
CA GLN E 120 17.40 -38.80 -4.46
C GLN E 120 18.04 -39.68 -3.41
N MET E 121 18.18 -40.98 -3.73
CA MET E 121 18.82 -41.95 -2.86
C MET E 121 20.24 -42.18 -3.35
N THR E 122 21.18 -42.25 -2.42
CA THR E 122 22.56 -42.63 -2.74
C THR E 122 23.13 -43.41 -1.57
N SER E 123 23.83 -44.51 -1.89
CA SER E 123 24.45 -45.36 -0.88
C SER E 123 23.43 -45.82 0.15
N LEU E 124 22.32 -46.36 -0.33
CA LEU E 124 21.25 -46.76 0.56
C LEU E 124 21.70 -47.91 1.45
N ARG E 125 21.32 -47.83 2.73
CA ARG E 125 21.70 -48.81 3.72
C ARG E 125 20.63 -49.90 3.79
N SER E 126 20.82 -50.82 4.74
CA SER E 126 19.89 -51.94 4.88
C SER E 126 18.56 -51.49 5.49
N GLU E 127 18.61 -50.64 6.51
CA GLU E 127 17.40 -50.25 7.23
C GLU E 127 16.57 -49.22 6.47
N ASP E 128 17.08 -48.67 5.37
CA ASP E 128 16.32 -47.68 4.62
C ASP E 128 15.06 -48.26 3.99
N THR E 129 14.97 -49.58 3.88
CA THR E 129 13.76 -50.22 3.36
C THR E 129 12.58 -49.91 4.28
N ALA E 130 11.58 -49.22 3.74
CA ALA E 130 10.44 -48.77 4.52
C ALA E 130 9.38 -48.20 3.57
N MET E 131 8.35 -47.61 4.15
CA MET E 131 7.24 -47.01 3.41
C MET E 131 7.41 -45.49 3.42
N TYR E 132 7.14 -44.85 2.29
CA TYR E 132 7.37 -43.43 2.12
C TYR E 132 6.07 -42.70 1.80
N TYR E 133 6.07 -41.39 2.08
CA TYR E 133 4.95 -40.51 1.78
C TYR E 133 5.48 -39.11 1.53
N CYS E 134 4.79 -38.36 0.66
CA CYS E 134 5.03 -36.93 0.52
C CYS E 134 3.79 -36.20 0.97
N VAL E 135 3.98 -35.15 1.76
CA VAL E 135 2.90 -34.44 2.44
C VAL E 135 3.01 -32.96 2.09
N ARG E 136 1.87 -32.34 1.78
CA ARG E 136 1.85 -30.90 1.57
C ARG E 136 1.68 -30.18 2.90
N SER E 137 2.07 -28.91 2.92
CA SER E 137 1.97 -28.11 4.12
C SER E 137 2.20 -26.65 3.76
N ILE E 138 1.38 -25.77 4.32
CA ILE E 138 1.46 -24.34 4.07
C ILE E 138 1.37 -23.61 5.39
N TYR E 139 2.24 -22.63 5.59
CA TYR E 139 2.40 -21.97 6.89
C TYR E 139 2.07 -20.50 6.77
N TYR E 140 0.88 -20.12 7.23
CA TYR E 140 0.56 -18.74 7.54
C TYR E 140 -0.32 -18.75 8.78
N TYR E 141 -0.76 -17.58 9.21
CA TYR E 141 -1.56 -17.51 10.41
C TYR E 141 -2.84 -18.32 10.26
N GLY E 142 -3.12 -19.17 11.24
CA GLY E 142 -4.31 -19.99 11.22
C GLY E 142 -4.35 -21.03 10.11
N SER E 143 -3.21 -21.57 9.73
CA SER E 143 -3.16 -22.59 8.68
C SER E 143 -3.36 -23.98 9.28
N SER E 144 -3.41 -24.98 8.40
CA SER E 144 -3.55 -26.37 8.80
C SER E 144 -2.51 -27.20 8.06
N PRO E 145 -1.27 -27.20 8.52
CA PRO E 145 -0.22 -27.98 7.85
C PRO E 145 -0.42 -29.47 8.03
N PHE E 146 0.21 -30.22 7.13
CA PHE E 146 0.12 -31.69 7.10
C PHE E 146 -1.33 -32.15 6.93
N ASP E 147 -2.10 -31.43 6.13
CA ASP E 147 -3.51 -31.75 5.97
C ASP E 147 -3.72 -32.96 5.06
N PHE E 148 -2.94 -33.08 4.00
CA PHE E 148 -3.17 -34.08 2.98
C PHE E 148 -1.92 -34.91 2.74
N TRP E 149 -2.10 -36.23 2.66
CA TRP E 149 -1.00 -37.18 2.48
C TRP E 149 -1.23 -37.99 1.22
N GLY E 150 -0.14 -38.50 0.66
CA GLY E 150 -0.23 -39.33 -0.52
C GLY E 150 -0.51 -40.78 -0.19
N GLN E 151 -0.65 -41.58 -1.24
CA GLN E 151 -0.96 -43.00 -1.05
C GLN E 151 0.28 -43.82 -0.75
N GLY E 152 1.46 -43.26 -0.96
CA GLY E 152 2.69 -43.90 -0.55
C GLY E 152 3.27 -44.83 -1.61
N THR E 153 4.55 -45.14 -1.43
CA THR E 153 5.23 -46.12 -2.26
C THR E 153 6.27 -46.84 -1.41
N THR E 154 6.43 -48.13 -1.70
CA THR E 154 7.24 -49.02 -0.86
C THR E 154 8.63 -49.21 -1.45
N LEU E 155 9.56 -49.59 -0.59
CA LEU E 155 10.95 -49.80 -0.97
C LEU E 155 11.49 -51.03 -0.26
N THR E 156 12.21 -51.87 -1.01
CA THR E 156 12.82 -53.07 -0.45
C THR E 156 14.28 -53.15 -0.87
N VAL E 157 15.13 -53.63 0.02
CA VAL E 157 16.56 -53.72 -0.21
C VAL E 157 17.04 -55.11 0.18
N SER E 158 18.23 -55.45 -0.31
CA SER E 158 18.88 -56.73 -0.01
C SER E 158 17.98 -57.92 -0.32
N SER E 174 19.53 -32.83 23.09
CA SER E 174 19.40 -33.59 21.85
C SER E 174 18.12 -33.20 21.11
N ASP E 175 17.22 -34.17 20.95
CA ASP E 175 15.96 -33.97 20.26
C ASP E 175 14.80 -34.20 21.22
N ILE E 176 13.65 -33.64 20.87
CA ILE E 176 12.44 -33.84 21.67
C ILE E 176 12.02 -35.29 21.58
N VAL E 177 11.66 -35.86 22.73
CA VAL E 177 11.28 -37.27 22.81
C VAL E 177 9.76 -37.34 22.98
N MET E 178 9.11 -38.11 22.12
CA MET E 178 7.66 -38.27 22.12
C MET E 178 7.33 -39.65 22.66
N THR E 179 6.44 -39.71 23.66
CA THR E 179 6.16 -40.94 24.38
C THR E 179 4.67 -41.25 24.36
N GLN E 180 4.34 -42.48 23.99
CA GLN E 180 2.97 -42.99 24.04
C GLN E 180 2.96 -44.37 24.68
N ALA E 181 2.01 -44.58 25.59
CA ALA E 181 1.91 -45.85 26.29
C ALA E 181 0.53 -45.95 26.92
N THR E 182 -0.10 -47.11 26.80
CA THR E 182 0.46 -48.26 26.08
C THR E 182 0.09 -48.23 24.61
N SER E 183 0.33 -49.33 23.91
CA SER E 183 0.11 -49.41 22.47
C SER E 183 -1.24 -49.99 22.10
N SER E 184 -2.08 -50.37 23.06
CA SER E 184 -3.36 -50.98 22.73
C SER E 184 -4.33 -50.81 23.89
N VAL E 185 -5.57 -50.46 23.57
CA VAL E 185 -6.62 -50.28 24.58
C VAL E 185 -7.91 -50.91 24.05
N PRO E 186 -8.56 -51.79 24.81
CA PRO E 186 -9.77 -52.46 24.31
C PRO E 186 -11.00 -51.58 24.46
N VAL E 187 -11.79 -51.50 23.38
CA VAL E 187 -12.97 -50.65 23.35
C VAL E 187 -14.10 -51.35 22.60
N THR E 188 -15.30 -50.79 22.73
CA THR E 188 -16.50 -51.23 22.03
C THR E 188 -17.14 -50.04 21.34
N PRO E 189 -17.90 -50.27 20.29
CA PRO E 189 -18.58 -49.15 19.61
C PRO E 189 -19.55 -48.43 20.56
N GLY E 190 -19.66 -47.12 20.37
CA GLY E 190 -20.64 -46.33 21.08
C GLY E 190 -20.26 -45.91 22.49
N GLU E 191 -18.99 -46.03 22.87
CA GLU E 191 -18.55 -45.63 24.20
C GLU E 191 -17.24 -44.85 24.10
N SER E 192 -16.95 -44.09 25.14
CA SER E 192 -15.85 -43.14 25.12
C SER E 192 -14.50 -43.82 25.27
N VAL E 193 -13.45 -43.09 24.90
CA VAL E 193 -12.08 -43.57 25.01
C VAL E 193 -11.15 -42.36 24.92
N SER E 194 -10.02 -42.45 25.62
CA SER E 194 -9.03 -41.38 25.63
C SER E 194 -7.65 -41.95 25.36
N ILE E 195 -6.84 -41.20 24.62
CA ILE E 195 -5.47 -41.57 24.30
C ILE E 195 -4.56 -40.44 24.73
N SER E 196 -3.46 -40.77 25.38
CA SER E 196 -2.53 -39.79 25.91
C SER E 196 -1.15 -39.94 25.29
N CYS E 197 -0.47 -38.82 25.12
CA CYS E 197 0.87 -38.78 24.57
C CYS E 197 1.75 -37.91 25.46
N ARG E 198 3.04 -38.18 25.47
CA ARG E 198 3.98 -37.53 26.37
C ARG E 198 5.16 -36.98 25.60
N SER E 199 5.73 -35.89 26.11
CA SER E 199 6.88 -35.24 25.50
C SER E 199 7.95 -35.01 26.56
N SER E 200 9.10 -34.50 26.11
CA SER E 200 10.19 -34.19 27.03
C SER E 200 10.16 -32.73 27.46
N LYS E 201 10.24 -31.81 26.51
CA LYS E 201 10.18 -30.38 26.78
C LYS E 201 8.74 -29.90 26.64
N SER E 202 8.42 -28.83 27.35
CA SER E 202 7.11 -28.22 27.23
C SER E 202 6.94 -27.63 25.84
N LEU E 203 5.79 -27.91 25.21
CA LEU E 203 5.54 -27.46 23.86
C LEU E 203 4.96 -26.05 23.79
N LEU E 204 4.56 -25.48 24.91
CA LEU E 204 3.95 -24.16 24.91
C LEU E 204 5.01 -23.11 24.57
N HIS E 205 4.92 -22.54 23.39
CA HIS E 205 5.80 -21.47 22.98
C HIS E 205 5.37 -20.16 23.64
N SER E 206 6.24 -19.15 23.54
CA SER E 206 5.92 -17.85 24.12
C SER E 206 4.74 -17.18 23.45
N ASN E 207 4.35 -17.63 22.25
CA ASN E 207 3.17 -17.07 21.60
C ASN E 207 1.89 -17.48 22.29
N GLY E 208 1.82 -18.68 22.84
CA GLY E 208 0.57 -19.28 23.26
C GLY E 208 0.10 -20.41 22.38
N ASN E 209 0.89 -20.81 21.40
CA ASN E 209 0.56 -21.92 20.52
C ASN E 209 1.32 -23.16 20.98
N THR E 210 0.58 -24.19 21.37
CA THR E 210 1.17 -25.46 21.75
C THR E 210 1.18 -26.38 20.53
N TYR E 211 2.35 -26.62 19.98
CA TYR E 211 2.49 -27.28 18.69
C TYR E 211 2.44 -28.79 18.86
N LEU E 212 1.22 -29.34 18.92
CA LEU E 212 1.03 -30.78 18.91
C LEU E 212 0.00 -31.14 17.85
N TYR E 213 0.28 -32.22 17.13
CA TYR E 213 -0.61 -32.68 16.06
C TYR E 213 -0.97 -34.13 16.29
N TRP E 214 -2.13 -34.53 15.77
CA TRP E 214 -2.64 -35.89 15.93
C TRP E 214 -3.04 -36.44 14.58
N PHE E 215 -2.70 -37.69 14.34
CA PHE E 215 -2.98 -38.35 13.06
C PHE E 215 -3.61 -39.70 13.32
N LEU E 216 -4.46 -40.14 12.38
CA LEU E 216 -5.05 -41.46 12.42
C LEU E 216 -4.78 -42.16 11.10
N GLN E 217 -4.39 -43.43 11.17
CA GLN E 217 -4.11 -44.23 9.99
C GLN E 217 -4.95 -45.51 10.09
N ARG E 218 -6.09 -45.52 9.42
CA ARG E 218 -6.88 -46.74 9.32
C ARG E 218 -6.09 -47.78 8.53
N PRO E 219 -6.25 -49.06 8.87
CA PRO E 219 -5.43 -50.10 8.23
C PRO E 219 -5.63 -50.13 6.73
N GLY E 220 -4.53 -50.35 6.00
CA GLY E 220 -4.57 -50.43 4.56
C GLY E 220 -4.70 -49.13 3.83
N GLN E 221 -4.42 -47.99 4.47
CA GLN E 221 -4.51 -46.71 3.79
C GLN E 221 -3.60 -45.70 4.47
N SER E 222 -3.52 -44.52 3.86
CA SER E 222 -2.62 -43.49 4.33
C SER E 222 -3.17 -42.80 5.58
N PRO E 223 -2.30 -42.24 6.42
CA PRO E 223 -2.77 -41.47 7.56
C PRO E 223 -3.37 -40.14 7.12
N GLN E 224 -4.14 -39.53 8.04
CA GLN E 224 -4.77 -38.25 7.78
C GLN E 224 -4.77 -37.43 9.06
N LEU E 225 -4.86 -36.12 8.89
CA LEU E 225 -4.78 -35.19 10.01
C LEU E 225 -6.11 -35.16 10.76
N LEU E 226 -6.03 -35.11 12.09
CA LEU E 226 -7.20 -34.98 12.93
C LEU E 226 -7.21 -33.67 13.70
N ILE E 227 -6.15 -33.41 14.47
CA ILE E 227 -6.07 -32.24 15.34
C ILE E 227 -4.77 -31.53 15.05
N TYR E 228 -4.83 -30.22 14.85
CA TYR E 228 -3.63 -29.41 14.69
C TYR E 228 -3.55 -28.38 15.80
N ARG E 229 -2.35 -28.22 16.36
CA ARG E 229 -2.08 -27.40 17.54
C ARG E 229 -2.88 -27.87 18.75
N MET E 230 -3.20 -29.16 18.80
CA MET E 230 -3.79 -29.87 19.94
C MET E 230 -5.02 -29.18 20.51
N SER E 231 -5.60 -28.23 19.78
CA SER E 231 -6.84 -27.61 20.21
C SER E 231 -7.86 -27.42 19.09
N ASN E 232 -7.46 -27.51 17.83
CA ASN E 232 -8.32 -27.25 16.69
C ASN E 232 -8.80 -28.57 16.11
N LEU E 233 -9.64 -28.46 15.08
CA LEU E 233 -10.16 -29.63 14.39
C LEU E 233 -9.95 -29.45 12.89
N ALA E 234 -9.54 -30.52 12.23
CA ALA E 234 -9.31 -30.47 10.79
C ALA E 234 -10.64 -30.38 10.04
N SER E 235 -10.54 -29.99 8.77
CA SER E 235 -11.73 -29.93 7.92
C SER E 235 -12.15 -31.34 7.50
N GLY E 236 -13.46 -31.50 7.32
CA GLY E 236 -13.99 -32.80 6.93
C GLY E 236 -13.76 -33.87 7.98
N VAL E 237 -13.93 -33.52 9.25
CA VAL E 237 -13.70 -34.45 10.35
C VAL E 237 -14.90 -34.41 11.28
N PRO E 238 -15.41 -35.56 11.74
CA PRO E 238 -16.50 -35.53 12.71
C PRO E 238 -16.12 -34.78 13.96
N ASP E 239 -17.10 -34.08 14.53
CA ASP E 239 -16.86 -33.19 15.66
C ASP E 239 -16.63 -33.93 16.97
N ARG E 240 -16.88 -35.23 17.02
CA ARG E 240 -16.76 -35.96 18.29
C ARG E 240 -15.33 -35.92 18.82
N PHE E 241 -14.34 -35.81 17.94
CA PHE E 241 -12.96 -35.70 18.37
C PHE E 241 -12.74 -34.38 19.09
N SER E 242 -11.93 -34.42 20.14
CA SER E 242 -11.61 -33.21 20.90
C SER E 242 -10.28 -33.42 21.58
N GLY E 243 -9.33 -32.51 21.35
CA GLY E 243 -7.99 -32.61 21.90
C GLY E 243 -7.74 -31.53 22.94
N SER E 244 -7.02 -31.91 23.99
CA SER E 244 -6.62 -30.97 25.03
C SER E 244 -5.43 -31.56 25.77
N GLY E 245 -4.77 -30.71 26.54
CA GLY E 245 -3.63 -31.17 27.31
C GLY E 245 -2.93 -30.01 27.97
N SER E 246 -1.97 -30.37 28.82
CA SER E 246 -1.17 -29.40 29.55
C SER E 246 0.02 -28.97 28.69
N GLY E 247 1.00 -28.31 29.30
CA GLY E 247 2.18 -27.89 28.57
C GLY E 247 3.10 -29.02 28.18
N THR E 248 2.98 -30.17 28.81
CA THR E 248 3.86 -31.29 28.52
C THR E 248 3.07 -32.58 28.35
N ALA E 249 1.87 -32.63 28.90
CA ALA E 249 1.01 -33.81 28.83
C ALA E 249 -0.23 -33.49 28.00
N PHE E 250 -0.65 -34.48 27.19
CA PHE E 250 -1.75 -34.28 26.26
C PHE E 250 -2.61 -35.53 26.21
N THR E 251 -3.88 -35.35 25.81
CA THR E 251 -4.84 -36.43 25.74
C THR E 251 -5.78 -36.20 24.56
N LEU E 252 -6.73 -37.11 24.38
CA LEU E 252 -7.85 -36.94 23.48
C LEU E 252 -9.14 -37.34 24.18
N THR E 253 -10.26 -37.10 23.49
CA THR E 253 -11.56 -37.62 23.89
C THR E 253 -12.29 -38.07 22.64
N ILE E 254 -12.94 -39.22 22.72
CA ILE E 254 -13.80 -39.72 21.65
C ILE E 254 -15.19 -39.98 22.23
N SER E 255 -16.20 -39.43 21.59
CA SER E 255 -17.59 -39.63 22.00
C SER E 255 -18.34 -40.35 20.90
N ARG E 256 -19.11 -41.37 21.28
CA ARG E 256 -19.88 -42.18 20.34
C ARG E 256 -18.97 -42.81 19.29
N LEU E 257 -18.01 -43.59 19.78
CA LEU E 257 -17.05 -44.27 18.92
C LEU E 257 -17.77 -45.28 18.03
N GLU E 258 -17.38 -45.33 16.76
CA GLU E 258 -17.98 -46.21 15.78
C GLU E 258 -16.90 -47.01 15.06
N ALA E 259 -17.35 -47.99 14.27
CA ALA E 259 -16.44 -48.90 13.58
C ALA E 259 -15.55 -48.20 12.57
N GLU E 260 -15.89 -46.98 12.15
CA GLU E 260 -15.05 -46.27 11.19
C GLU E 260 -13.77 -45.73 11.83
N ASP E 261 -13.75 -45.57 13.15
CA ASP E 261 -12.65 -44.90 13.83
C ASP E 261 -11.59 -45.85 14.35
N VAL E 262 -11.67 -47.14 14.04
CA VAL E 262 -10.68 -48.09 14.54
C VAL E 262 -9.43 -48.04 13.68
N GLY E 263 -8.28 -47.93 14.35
CA GLY E 263 -7.01 -47.86 13.64
C GLY E 263 -5.83 -47.69 14.57
N VAL E 264 -4.91 -46.80 14.20
CA VAL E 264 -3.74 -46.49 15.02
C VAL E 264 -3.54 -44.98 14.99
N TYR E 265 -3.12 -44.42 16.12
CA TYR E 265 -3.02 -42.98 16.28
C TYR E 265 -1.58 -42.59 16.63
N TYR E 266 -1.20 -41.39 16.21
CA TYR E 266 0.14 -40.88 16.45
C TYR E 266 0.08 -39.44 16.91
N CYS E 267 1.09 -39.02 17.68
CA CYS E 267 1.26 -37.64 18.08
C CYS E 267 2.56 -37.11 17.50
N MET E 268 2.52 -35.90 16.97
CA MET E 268 3.70 -35.27 16.41
C MET E 268 3.81 -33.84 16.93
N GLN E 269 5.04 -33.39 17.12
CA GLN E 269 5.30 -32.02 17.56
C GLN E 269 5.96 -31.25 16.43
N HIS E 270 5.69 -29.94 16.38
CA HIS E 270 6.24 -29.08 15.36
C HIS E 270 6.96 -27.88 15.96
N LEU E 271 7.41 -27.97 17.21
CA LEU E 271 8.04 -26.83 17.85
C LEU E 271 9.38 -26.50 17.21
N GLU E 272 10.17 -27.51 16.89
CA GLU E 272 11.51 -27.27 16.35
C GLU E 272 11.99 -28.50 15.61
N TYR E 273 12.67 -28.28 14.50
CA TYR E 273 13.30 -29.36 13.78
C TYR E 273 14.39 -30.00 14.64
N PRO E 274 14.56 -31.33 14.55
CA PRO E 274 13.81 -32.23 13.66
C PRO E 274 12.42 -32.56 14.18
N LEU E 275 11.51 -32.87 13.26
CA LEU E 275 10.18 -33.30 13.63
C LEU E 275 10.23 -34.72 14.18
N THR E 276 9.54 -34.95 15.28
CA THR E 276 9.58 -36.23 15.97
C THR E 276 8.17 -36.77 16.16
N PHE E 277 8.02 -38.08 15.97
CA PHE E 277 6.74 -38.75 16.13
C PHE E 277 6.73 -39.53 17.42
N GLY E 278 5.52 -39.79 17.93
CA GLY E 278 5.34 -40.73 19.01
C GLY E 278 5.24 -42.14 18.50
N ALA E 279 5.11 -43.08 19.43
CA ALA E 279 4.88 -44.46 19.06
C ALA E 279 3.44 -44.64 18.60
N GLY E 280 3.11 -45.85 18.14
CA GLY E 280 1.78 -46.14 17.65
C GLY E 280 0.94 -46.84 18.71
N THR E 281 -0.29 -46.37 18.86
CA THR E 281 -1.28 -47.00 19.72
C THR E 281 -2.49 -47.37 18.87
N LYS E 282 -2.90 -48.63 18.95
CA LYS E 282 -3.98 -49.15 18.12
C LYS E 282 -5.17 -49.54 18.98
N LEU E 283 -6.34 -49.51 18.37
CA LEU E 283 -7.59 -49.85 19.04
C LEU E 283 -8.11 -51.19 18.52
N GLU E 284 -8.82 -51.91 19.39
CA GLU E 284 -9.38 -53.21 19.05
C GLU E 284 -10.89 -53.20 19.29
N LEU E 285 -11.54 -54.27 18.87
CA LEU E 285 -12.99 -54.34 18.85
C LEU E 285 -13.51 -55.48 19.72
N LYS E 286 -13.03 -55.56 20.96
CA LYS E 286 -13.48 -56.57 21.91
C LYS E 286 -15.00 -56.58 22.04
C15 J59 F . 46.21 12.42 -4.38
C1 J59 F . 42.38 17.10 -2.22
C2 J59 F . 42.20 16.92 -0.75
C4 J59 F . 43.28 15.01 -1.61
C7 J59 F . 44.41 13.21 -2.99
C8 J59 F . 43.52 13.06 -4.05
C9 J59 F . 43.99 12.58 -5.30
C11 J59 F . 43.54 11.98 -7.51
C12 J59 F . 44.88 11.67 -7.68
C14 J59 F . 45.30 12.26 -5.47
C16 J59 F . 45.75 12.89 -3.15
N3 J59 F . 42.76 15.64 -0.39
N5 J59 F . 43.05 15.93 -2.74
N6 J59 F . 43.93 13.71 -1.70
N10 J59 F . 43.11 12.44 -6.34
N13 J59 F . 45.75 11.80 -6.67
BR1 J59 F . 41.65 13.52 -3.81
#